data_4K4U
#
_entry.id   4K4U
#
_cell.length_a   63.654
_cell.length_b   63.870
_cell.length_c   105.095
_cell.angle_alpha   101.080
_cell.angle_beta   106.220
_cell.angle_gamma   103.030
#
_symmetry.space_group_name_H-M   'P 1'
#
loop_
_entity.id
_entity.type
_entity.pdbx_description
1 polymer 'RNA-directed RNA polymerase 3D-POL'
2 polymer "RNA (5'-R(*AP*AP*GP*UP*CP*UP*CP*CP*AP*GP*GP*UP*CP*UP*CP*UP*CP*UP*CP*GP*UP*CP*GP*AP*AP*A)-3')"
3 polymer "RNA (5'-R(*UP*GP*UP*UP*CP*GP*AP*CP*GP*AP*GP*AP*GP*AP*GP*A)-3')"
4 polymer "RNA (5'-R(P*GP*GP*GP*GP*GP*AP*GP*AP*UP*GP*A)-3')"
5 non-polymer 'SULFATE ION'
6 water water
#
loop_
_entity_poly.entity_id
_entity_poly.type
_entity_poly.pdbx_seq_one_letter_code
_entity_poly.pdbx_strand_id
1 'polypeptide(L)'
;GEIQWMRPSKEVGYPIINAPSKTKLEPSAFHYVFEGVKEPAVLTKNDPRLKTDFEEAIFSKYVGNKITEVDEYMKEAVDH
YAGQLMSLDINTEQMCLEDAMYGTDGLEALDLSTSAGYPYVAMGKKKRDILNKQTRDTKEMQKLLDTYGINLPLVTYVKD
ELRSKTKVEQGKSRLIEASSLNDSVAMRMAFGNLYAAFHKNPGVITGSAVGCDPDLFWSKIPVLMEEKLFAFDYTGYDAS
LSPAWFEALKMVLEKIGFGDRVDYIDYLNHSHHLYKNKTYCVKGGMPSGMSGTSIFNSMINNLIIRTLLLKTYKGIDLDH
LKMIAYGDDVIASYPHEVDASLLAQSGKDYGLTMTPADKSATFETVTWENVTFLKRFFRADEKYPFLIHPVMPMKEIHES
IRWTKDPRNTQDHVRSLCLLAWHNGEEEYNKFLAKIRSVPIGRALDLPEYSTLYRRWLDSFGSSSHHHHHH
;
A,E
2 'polyribonucleotide' AAGUCUCCAGGUCUCUCUCGUCGAAA B,F
3 'polyribonucleotide' UGUUCGACGAGAGAGA C,G
4 'polyribonucleotide' GGGGGAGAUGA H,D
#
# COMPACT_ATOMS: atom_id res chain seq x y z
N GLY A 1 -55.73 7.17 -19.15
CA GLY A 1 -56.06 6.19 -18.15
C GLY A 1 -57.28 6.59 -17.32
N GLU A 2 -58.17 5.63 -17.08
CA GLU A 2 -59.41 5.87 -16.33
C GLU A 2 -59.47 5.01 -15.08
N ILE A 3 -59.94 5.57 -13.96
CA ILE A 3 -60.30 4.74 -12.80
C ILE A 3 -61.64 4.03 -13.06
N GLN A 4 -61.66 2.70 -12.98
CA GLN A 4 -62.84 1.98 -13.41
C GLN A 4 -63.83 1.89 -12.29
N TRP A 5 -63.31 1.85 -11.06
CA TRP A 5 -64.14 1.75 -9.88
C TRP A 5 -63.27 1.87 -8.66
N MET A 6 -63.91 2.12 -7.53
CA MET A 6 -63.18 2.38 -6.31
C MET A 6 -64.13 2.21 -5.15
N ARG A 7 -63.72 1.42 -4.16
CA ARG A 7 -64.59 1.13 -3.05
C ARG A 7 -63.81 0.78 -1.79
N PRO A 8 -64.45 0.83 -0.62
CA PRO A 8 -63.79 0.45 0.63
C PRO A 8 -63.14 -0.93 0.53
N SER A 9 -61.93 -1.04 1.06
CA SER A 9 -61.14 -2.24 0.91
C SER A 9 -61.74 -3.41 1.66
N LYS A 10 -62.14 -3.17 2.92
CA LYS A 10 -62.62 -4.23 3.82
C LYS A 10 -63.72 -5.09 3.21
N GLU A 11 -64.32 -4.62 2.12
CA GLU A 11 -65.36 -5.37 1.46
C GLU A 11 -64.98 -5.80 0.03
N VAL A 12 -63.68 -5.74 -0.28
CA VAL A 12 -63.13 -6.39 -1.47
C VAL A 12 -62.20 -7.49 -0.96
N GLY A 13 -61.97 -7.46 0.34
CA GLY A 13 -61.17 -8.48 1.00
C GLY A 13 -59.71 -8.09 1.20
N TYR A 14 -59.38 -6.84 0.87
CA TYR A 14 -58.01 -6.30 0.94
C TYR A 14 -57.83 -5.45 2.19
N PRO A 15 -56.65 -5.54 2.83
CA PRO A 15 -56.36 -4.82 4.08
C PRO A 15 -56.24 -3.30 3.95
N ILE A 16 -56.54 -2.61 5.05
CA ILE A 16 -56.33 -1.17 5.17
C ILE A 16 -54.83 -0.89 5.24
N ILE A 17 -54.34 -0.05 4.32
CA ILE A 17 -52.92 0.30 4.28
C ILE A 17 -52.64 1.56 5.10
N ASN A 18 -51.78 1.44 6.10
CA ASN A 18 -51.43 2.60 6.90
C ASN A 18 -50.10 3.21 6.47
N ALA A 19 -50.15 4.49 6.13
CA ALA A 19 -48.99 5.21 5.59
C ALA A 19 -48.66 6.45 6.45
N PRO A 20 -47.36 6.77 6.56
CA PRO A 20 -46.93 7.92 7.38
C PRO A 20 -47.41 9.27 6.82
N SER A 21 -47.72 10.20 7.71
CA SER A 21 -48.24 11.50 7.30
C SER A 21 -47.23 12.64 7.52
N LYS A 22 -46.13 12.32 8.18
CA LYS A 22 -45.08 13.29 8.47
C LYS A 22 -43.95 13.16 7.47
N THR A 23 -43.50 14.30 6.92
CA THR A 23 -42.36 14.31 6.02
C THR A 23 -41.04 14.12 6.77
N LYS A 24 -40.02 13.72 6.02
CA LYS A 24 -38.73 13.42 6.60
C LYS A 24 -37.74 14.56 6.28
N LEU A 25 -38.22 15.55 5.53
CA LEU A 25 -37.43 16.75 5.17
C LEU A 25 -37.46 17.89 6.20
N GLU A 26 -36.37 18.04 6.95
CA GLU A 26 -36.19 19.16 7.88
C GLU A 26 -35.25 20.19 7.23
N PRO A 27 -35.36 21.47 7.62
CA PRO A 27 -34.48 22.49 7.03
C PRO A 27 -33.04 22.31 7.47
N SER A 28 -32.12 22.81 6.65
CA SER A 28 -30.70 22.55 6.81
C SER A 28 -29.93 23.81 7.22
N ALA A 29 -28.70 23.63 7.66
CA ALA A 29 -27.87 24.76 8.08
C ALA A 29 -27.68 25.77 6.95
N PHE A 30 -28.08 25.40 5.74
CA PHE A 30 -27.97 26.29 4.60
C PHE A 30 -29.30 26.87 4.19
N HIS A 31 -30.35 26.64 5.00
CA HIS A 31 -31.70 27.06 4.65
C HIS A 31 -31.83 28.55 4.40
N TYR A 32 -31.06 29.33 5.16
CA TYR A 32 -31.19 30.77 5.10
C TYR A 32 -30.09 31.41 4.27
N VAL A 33 -29.06 30.63 3.95
CA VAL A 33 -28.07 31.12 2.99
C VAL A 33 -28.76 31.35 1.65
N PHE A 34 -28.87 30.30 0.83
CA PHE A 34 -29.37 30.39 -0.55
C PHE A 34 -30.85 30.65 -0.63
N GLU A 35 -31.34 30.92 -1.84
CA GLU A 35 -32.76 31.17 -2.04
C GLU A 35 -33.48 30.01 -2.78
N GLY A 36 -34.79 29.90 -2.54
CA GLY A 36 -35.58 28.91 -3.22
C GLY A 36 -37.00 28.86 -2.70
N VAL A 37 -37.91 28.26 -3.48
CA VAL A 37 -39.33 28.28 -3.17
C VAL A 37 -39.97 26.94 -2.82
N LYS A 38 -39.24 25.84 -3.02
CA LYS A 38 -39.91 24.55 -2.90
C LYS A 38 -40.02 24.08 -1.43
N GLU A 39 -41.25 23.76 -1.05
CA GLU A 39 -41.55 23.16 0.25
C GLU A 39 -41.72 21.63 0.07
N PRO A 40 -41.72 20.88 1.18
CA PRO A 40 -42.08 19.47 1.05
C PRO A 40 -43.52 19.36 0.56
N ALA A 41 -43.78 18.45 -0.37
CA ALA A 41 -45.11 18.32 -0.97
C ALA A 41 -46.13 17.75 0.02
N VAL A 42 -47.41 17.87 -0.33
CA VAL A 42 -48.50 17.45 0.56
C VAL A 42 -48.56 15.93 0.78
N LEU A 43 -48.75 15.53 2.03
CA LEU A 43 -48.73 14.11 2.38
C LEU A 43 -50.11 13.59 2.80
N THR A 44 -50.75 14.31 3.71
CA THR A 44 -52.10 13.97 4.16
C THR A 44 -53.11 15.04 3.74
N LYS A 45 -54.38 14.86 4.10
CA LYS A 45 -55.48 15.69 3.60
C LYS A 45 -55.75 16.94 4.45
N ASN A 46 -55.24 16.94 5.68
CA ASN A 46 -55.45 18.04 6.60
C ASN A 46 -54.41 19.15 6.51
N ASP A 47 -53.44 19.00 5.60
CA ASP A 47 -52.35 19.97 5.42
C ASP A 47 -52.82 21.43 5.35
N PRO A 48 -52.44 22.24 6.35
CA PRO A 48 -52.74 23.67 6.48
C PRO A 48 -52.49 24.52 5.21
N ARG A 49 -51.67 24.02 4.28
CA ARG A 49 -51.29 24.80 3.10
C ARG A 49 -52.26 24.65 1.95
N LEU A 50 -53.16 23.68 2.06
CA LEU A 50 -54.02 23.29 0.93
C LEU A 50 -55.02 24.37 0.50
N LYS A 51 -55.19 24.54 -0.80
CA LYS A 51 -56.31 25.31 -1.34
C LYS A 51 -57.52 24.41 -1.60
N THR A 52 -57.27 23.32 -2.32
CA THR A 52 -58.34 22.43 -2.77
C THR A 52 -58.49 21.23 -1.84
N ASP A 53 -59.28 20.26 -2.30
CA ASP A 53 -59.38 18.94 -1.67
C ASP A 53 -58.21 18.10 -2.16
N PHE A 54 -57.64 17.32 -1.25
CA PHE A 54 -56.46 16.49 -1.52
C PHE A 54 -56.73 15.37 -2.52
N GLU A 55 -57.53 14.41 -2.04
CA GLU A 55 -57.80 13.15 -2.72
C GLU A 55 -58.29 13.36 -4.15
N GLU A 56 -59.16 14.35 -4.32
CA GLU A 56 -59.72 14.71 -5.62
C GLU A 56 -58.64 15.10 -6.64
N ALA A 57 -57.56 15.69 -6.14
CA ALA A 57 -56.56 16.33 -7.00
C ALA A 57 -55.39 15.42 -7.39
N ILE A 58 -54.99 14.52 -6.48
CA ILE A 58 -53.89 13.60 -6.77
C ILE A 58 -54.29 12.48 -7.73
N PHE A 59 -55.58 12.12 -7.76
CA PHE A 59 -56.07 11.13 -8.73
C PHE A 59 -56.53 11.78 -10.03
N SER A 60 -56.45 13.10 -10.07
CA SER A 60 -56.88 13.90 -11.22
C SER A 60 -56.02 13.62 -12.46
N LYS A 61 -54.83 13.09 -12.25
CA LYS A 61 -53.92 12.77 -13.35
C LYS A 61 -54.53 11.73 -14.29
N TYR A 62 -55.45 10.93 -13.76
CA TYR A 62 -56.12 9.88 -14.53
C TYR A 62 -57.15 10.47 -15.48
N VAL A 63 -56.64 11.10 -16.54
CA VAL A 63 -57.42 11.82 -17.54
C VAL A 63 -58.71 11.14 -18.00
N GLY A 64 -58.62 9.84 -18.28
CA GLY A 64 -59.65 9.12 -19.01
C GLY A 64 -59.05 8.70 -20.33
N ASN A 65 -59.26 7.45 -20.73
CA ASN A 65 -58.70 6.96 -21.99
C ASN A 65 -59.29 7.64 -23.21
N LYS A 66 -58.67 7.47 -24.36
CA LYS A 66 -59.04 8.26 -25.53
C LYS A 66 -59.16 7.38 -26.75
N ILE A 67 -58.15 6.56 -27.01
CA ILE A 67 -58.26 5.56 -28.06
C ILE A 67 -58.37 4.15 -27.48
N THR A 68 -58.63 3.18 -28.35
CA THR A 68 -58.79 1.79 -27.94
C THR A 68 -58.20 0.87 -29.01
N GLU A 69 -58.22 1.34 -30.25
CA GLU A 69 -57.70 0.57 -31.39
C GLU A 69 -56.36 1.14 -31.90
N VAL A 70 -55.50 0.25 -32.39
CA VAL A 70 -54.25 0.66 -33.02
C VAL A 70 -54.46 1.01 -34.49
N ASP A 71 -54.28 2.29 -34.83
CA ASP A 71 -54.55 2.78 -36.19
C ASP A 71 -53.40 2.55 -37.17
N GLU A 72 -53.61 2.99 -38.41
CA GLU A 72 -52.66 2.74 -39.49
C GLU A 72 -51.34 3.47 -39.33
N TYR A 73 -51.35 4.59 -38.61
CA TYR A 73 -50.11 5.27 -38.32
C TYR A 73 -49.36 4.51 -37.20
N MET A 74 -50.01 4.32 -36.05
CA MET A 74 -49.42 3.54 -34.98
C MET A 74 -48.88 2.20 -35.47
N LYS A 75 -49.66 1.52 -36.30
CA LYS A 75 -49.26 0.23 -36.87
C LYS A 75 -47.98 0.37 -37.69
N GLU A 76 -47.85 1.50 -38.35
CA GLU A 76 -46.71 1.76 -39.21
C GLU A 76 -45.48 1.99 -38.36
N ALA A 77 -45.60 2.96 -37.46
CA ALA A 77 -44.57 3.28 -36.50
C ALA A 77 -44.01 2.01 -35.86
N VAL A 78 -44.91 1.11 -35.46
CA VAL A 78 -44.54 -0.14 -34.81
C VAL A 78 -43.47 -0.88 -35.60
N ASP A 79 -43.70 -1.06 -36.90
CA ASP A 79 -42.75 -1.80 -37.72
C ASP A 79 -41.44 -1.06 -37.87
N HIS A 80 -41.49 0.26 -37.92
CA HIS A 80 -40.26 1.00 -38.02
C HIS A 80 -39.42 0.85 -36.77
N TYR A 81 -40.01 1.21 -35.61
CA TYR A 81 -39.27 1.11 -34.36
C TYR A 81 -38.80 -0.32 -34.10
N ALA A 82 -39.73 -1.29 -34.15
CA ALA A 82 -39.37 -2.70 -34.01
C ALA A 82 -38.32 -3.11 -35.06
N GLY A 83 -38.50 -2.61 -36.28
CA GLY A 83 -37.52 -2.86 -37.32
C GLY A 83 -36.15 -2.43 -36.84
N GLN A 84 -36.06 -1.16 -36.42
CA GLN A 84 -34.86 -0.56 -35.83
C GLN A 84 -34.31 -1.37 -34.64
N LEU A 85 -35.18 -1.72 -33.70
CA LEU A 85 -34.76 -2.50 -32.53
C LEU A 85 -34.11 -3.84 -32.90
N MET A 86 -34.42 -4.35 -34.09
CA MET A 86 -33.98 -5.66 -34.54
C MET A 86 -32.48 -5.81 -34.69
N SER A 87 -31.81 -4.74 -35.12
CA SER A 87 -30.35 -4.77 -35.35
C SER A 87 -29.60 -5.01 -34.07
N LEU A 88 -30.23 -4.65 -32.95
CA LEU A 88 -29.63 -4.85 -31.64
C LEU A 88 -29.29 -6.32 -31.44
N ASP A 89 -30.18 -7.19 -31.94
CA ASP A 89 -29.99 -8.64 -31.83
C ASP A 89 -29.83 -8.99 -30.37
N ILE A 90 -30.94 -9.01 -29.64
CA ILE A 90 -30.90 -9.13 -28.18
C ILE A 90 -31.52 -10.42 -27.66
N ASN A 91 -30.80 -11.07 -26.74
CA ASN A 91 -31.23 -12.35 -26.16
C ASN A 91 -32.69 -12.38 -25.71
N THR A 92 -33.43 -13.33 -26.27
CA THR A 92 -34.88 -13.47 -26.01
C THR A 92 -35.17 -14.41 -24.84
N GLU A 93 -34.12 -14.90 -24.19
CA GLU A 93 -34.27 -15.93 -23.17
C GLU A 93 -35.03 -15.45 -21.96
N GLN A 94 -35.64 -16.38 -21.25
CA GLN A 94 -36.09 -16.11 -19.91
C GLN A 94 -34.84 -15.96 -19.06
N MET A 95 -34.89 -15.05 -18.08
CA MET A 95 -33.81 -14.89 -17.12
C MET A 95 -34.10 -15.79 -15.92
N CYS A 96 -33.05 -16.45 -15.42
CA CYS A 96 -33.23 -17.41 -14.33
C CYS A 96 -33.55 -16.69 -13.03
N LEU A 97 -34.18 -17.40 -12.10
CA LEU A 97 -34.66 -16.77 -10.87
C LEU A 97 -33.52 -16.14 -10.06
N GLU A 98 -32.35 -16.79 -10.03
CA GLU A 98 -31.23 -16.30 -9.22
C GLU A 98 -30.74 -14.94 -9.70
N ASP A 99 -30.61 -14.80 -11.02
CA ASP A 99 -30.19 -13.53 -11.62
C ASP A 99 -31.18 -12.42 -11.29
N ALA A 100 -32.39 -12.52 -11.83
CA ALA A 100 -33.45 -11.53 -11.61
C ALA A 100 -33.66 -11.13 -10.14
N MET A 101 -33.14 -11.93 -9.21
CA MET A 101 -33.22 -11.62 -7.80
C MET A 101 -31.99 -10.83 -7.38
N TYR A 102 -30.83 -11.42 -7.65
CA TYR A 102 -29.56 -11.01 -7.03
C TYR A 102 -28.59 -10.26 -7.94
N GLY A 103 -29.06 -9.91 -9.14
CA GLY A 103 -28.26 -9.12 -10.05
C GLY A 103 -27.44 -9.94 -11.04
N THR A 104 -27.05 -9.30 -12.14
CA THR A 104 -26.23 -9.93 -13.17
C THR A 104 -25.79 -8.86 -14.20
N ASP A 105 -24.94 -9.23 -15.16
CA ASP A 105 -24.37 -8.28 -16.10
C ASP A 105 -25.43 -7.52 -16.89
N GLY A 106 -25.77 -6.33 -16.40
CA GLY A 106 -26.73 -5.44 -17.06
C GLY A 106 -27.90 -5.10 -16.16
N LEU A 107 -28.03 -5.83 -15.05
CA LEU A 107 -29.14 -5.69 -14.14
C LEU A 107 -28.63 -5.70 -12.71
N GLU A 108 -28.97 -4.69 -11.94
CA GLU A 108 -28.56 -4.64 -10.54
C GLU A 108 -29.33 -5.67 -9.69
N ALA A 109 -29.20 -5.59 -8.38
CA ALA A 109 -29.93 -6.52 -7.53
C ALA A 109 -31.28 -5.90 -7.23
N LEU A 110 -32.23 -6.68 -6.73
CA LEU A 110 -33.46 -6.08 -6.24
C LEU A 110 -33.10 -5.16 -5.08
N ASP A 111 -33.95 -4.18 -4.80
CA ASP A 111 -33.66 -3.12 -3.84
C ASP A 111 -34.03 -3.52 -2.39
N LEU A 112 -33.05 -3.98 -1.60
CA LEU A 112 -33.32 -4.64 -0.32
C LEU A 112 -33.64 -3.70 0.83
N SER A 113 -34.01 -2.46 0.54
CA SER A 113 -34.30 -1.48 1.60
C SER A 113 -35.53 -0.67 1.22
N THR A 114 -36.40 -1.33 0.48
CA THR A 114 -37.66 -0.77 0.02
C THR A 114 -38.73 -1.84 0.32
N SER A 115 -39.98 -1.41 0.36
CA SER A 115 -41.11 -2.29 0.67
C SER A 115 -41.11 -3.56 -0.19
N ALA A 116 -41.70 -4.62 0.33
CA ALA A 116 -41.81 -5.83 -0.46
C ALA A 116 -43.17 -5.83 -1.18
N GLY A 117 -44.05 -4.91 -0.80
CA GLY A 117 -45.36 -4.82 -1.43
C GLY A 117 -46.36 -5.84 -0.91
N TYR A 118 -47.59 -5.79 -1.45
CA TYR A 118 -48.64 -6.72 -1.01
C TYR A 118 -48.30 -8.17 -1.35
N PRO A 119 -48.55 -9.11 -0.40
CA PRO A 119 -49.15 -8.93 0.92
C PRO A 119 -48.17 -8.55 2.05
N TYR A 120 -46.89 -8.82 1.84
CA TYR A 120 -45.84 -8.71 2.87
C TYR A 120 -45.92 -7.45 3.73
N VAL A 121 -46.21 -6.29 3.13
CA VAL A 121 -46.28 -5.02 3.87
C VAL A 121 -47.23 -5.10 5.04
N ALA A 122 -48.34 -5.80 4.84
CA ALA A 122 -49.39 -5.87 5.84
C ALA A 122 -49.23 -7.09 6.72
N MET A 123 -48.53 -8.10 6.21
CA MET A 123 -48.21 -9.29 6.99
C MET A 123 -47.03 -9.07 7.92
N GLY A 124 -46.41 -7.91 7.82
CA GLY A 124 -45.24 -7.54 8.61
C GLY A 124 -43.88 -7.99 8.11
N LYS A 125 -43.72 -8.23 6.80
CA LYS A 125 -42.47 -8.80 6.27
C LYS A 125 -41.64 -7.92 5.29
N LYS A 126 -40.33 -7.77 5.54
CA LYS A 126 -39.49 -6.94 4.67
C LYS A 126 -38.70 -7.84 3.70
N LYS A 127 -38.21 -7.27 2.60
CA LYS A 127 -37.47 -8.02 1.58
C LYS A 127 -36.36 -8.86 2.17
N ARG A 128 -35.69 -8.31 3.20
CA ARG A 128 -34.52 -8.97 3.82
C ARG A 128 -34.91 -10.27 4.56
N ASP A 129 -36.20 -10.46 4.83
CA ASP A 129 -36.69 -11.68 5.45
C ASP A 129 -36.80 -12.79 4.41
N ILE A 130 -36.62 -12.44 3.13
CA ILE A 130 -36.77 -13.36 2.01
C ILE A 130 -35.47 -13.46 1.17
N LEU A 131 -34.83 -12.31 0.95
CA LEU A 131 -33.60 -12.26 0.16
C LEU A 131 -32.33 -12.26 1.02
N ASN A 132 -31.26 -12.79 0.45
CA ASN A 132 -29.96 -12.81 1.09
C ASN A 132 -28.84 -12.76 0.03
N LYS A 133 -28.10 -11.66 0.02
CA LYS A 133 -27.14 -11.40 -1.07
C LYS A 133 -25.95 -12.35 -1.08
N GLN A 134 -25.66 -12.91 0.10
CA GLN A 134 -24.58 -13.89 0.25
C GLN A 134 -25.01 -15.29 -0.18
N THR A 135 -26.02 -15.82 0.51
CA THR A 135 -26.51 -17.17 0.25
C THR A 135 -26.96 -17.27 -1.19
N ARG A 136 -27.66 -16.24 -1.65
CA ARG A 136 -28.26 -16.18 -2.98
C ARG A 136 -29.26 -17.31 -3.09
N ASP A 137 -30.05 -17.45 -2.02
CA ASP A 137 -31.02 -18.52 -1.89
C ASP A 137 -32.32 -18.18 -2.61
N THR A 138 -32.65 -18.98 -3.62
CA THR A 138 -33.96 -18.83 -4.27
C THR A 138 -35.07 -19.37 -3.36
N LYS A 139 -35.36 -20.66 -3.49
CA LYS A 139 -36.23 -21.43 -2.59
C LYS A 139 -37.33 -20.68 -1.82
N GLU A 140 -36.95 -20.00 -0.74
CA GLU A 140 -37.92 -19.34 0.13
C GLU A 140 -38.70 -18.29 -0.65
N MET A 141 -38.08 -17.77 -1.69
CA MET A 141 -38.76 -16.89 -2.62
C MET A 141 -39.70 -17.72 -3.49
N GLN A 142 -39.17 -18.82 -4.01
CA GLN A 142 -39.93 -19.72 -4.87
C GLN A 142 -41.20 -20.21 -4.15
N LYS A 143 -41.10 -20.35 -2.82
CA LYS A 143 -42.24 -20.69 -1.98
C LYS A 143 -43.29 -19.62 -2.13
N LEU A 144 -42.96 -18.41 -1.72
CA LEU A 144 -43.89 -17.27 -1.72
C LEU A 144 -44.36 -16.93 -3.11
N LEU A 145 -43.62 -17.41 -4.11
CA LEU A 145 -44.13 -17.34 -5.45
C LEU A 145 -45.30 -18.31 -5.61
N ASP A 146 -45.09 -19.56 -5.21
CA ASP A 146 -46.09 -20.61 -5.33
C ASP A 146 -47.31 -20.29 -4.46
N THR A 147 -47.12 -19.69 -3.27
CA THR A 147 -48.26 -19.23 -2.48
C THR A 147 -49.06 -18.13 -3.15
N TYR A 148 -48.43 -16.95 -3.27
CA TYR A 148 -49.25 -15.79 -3.59
C TYR A 148 -49.34 -15.55 -5.07
N GLY A 149 -48.43 -16.15 -5.85
CA GLY A 149 -48.54 -16.05 -7.28
C GLY A 149 -48.33 -14.63 -7.76
N ILE A 150 -48.83 -14.31 -8.95
CA ILE A 150 -48.53 -13.01 -9.52
C ILE A 150 -49.78 -12.18 -9.85
N ASN A 151 -49.57 -11.01 -10.44
CA ASN A 151 -50.63 -10.05 -10.67
C ASN A 151 -51.27 -9.61 -9.37
N LEU A 152 -50.45 -9.12 -8.43
CA LEU A 152 -50.93 -8.64 -7.13
C LEU A 152 -51.27 -7.14 -7.16
N PRO A 153 -52.06 -6.67 -6.17
CA PRO A 153 -52.38 -5.24 -6.25
C PRO A 153 -51.22 -4.35 -5.82
N LEU A 154 -51.05 -3.19 -6.45
CA LEU A 154 -49.99 -2.26 -6.07
C LEU A 154 -50.34 -1.49 -4.82
N VAL A 155 -49.35 -1.06 -4.04
CA VAL A 155 -49.67 -0.20 -2.90
C VAL A 155 -49.36 1.27 -3.22
N THR A 156 -50.37 2.11 -3.11
CA THR A 156 -50.26 3.49 -3.54
C THR A 156 -49.76 4.44 -2.41
N TYR A 157 -48.59 5.04 -2.64
CA TYR A 157 -47.95 5.89 -1.65
C TYR A 157 -47.83 7.31 -2.09
N VAL A 158 -47.95 8.27 -1.17
CA VAL A 158 -47.65 9.66 -1.50
C VAL A 158 -46.14 9.85 -1.48
N LYS A 159 -45.62 10.51 -2.52
CA LYS A 159 -44.17 10.64 -2.67
C LYS A 159 -43.60 11.77 -1.81
N ASP A 160 -42.76 11.38 -0.85
CA ASP A 160 -42.10 12.34 0.04
C ASP A 160 -40.96 13.08 -0.66
N GLU A 161 -41.22 14.34 -1.02
CA GLU A 161 -40.26 15.14 -1.81
C GLU A 161 -40.62 16.64 -1.91
N LEU A 162 -39.62 17.46 -2.20
CA LEU A 162 -39.82 18.91 -2.34
C LEU A 162 -40.59 19.30 -3.60
N ARG A 163 -41.44 20.31 -3.50
CA ARG A 163 -42.22 20.71 -4.66
C ARG A 163 -42.60 22.17 -4.63
N SER A 164 -42.81 22.72 -5.82
CA SER A 164 -43.09 24.13 -5.98
C SER A 164 -44.34 24.55 -5.21
N LYS A 165 -44.58 25.84 -5.18
CA LYS A 165 -45.63 26.36 -4.32
C LYS A 165 -46.99 26.16 -4.96
N THR A 166 -47.12 26.62 -6.21
CA THR A 166 -48.38 26.53 -6.95
C THR A 166 -48.91 25.09 -6.96
N LYS A 167 -48.02 24.13 -6.75
CA LYS A 167 -48.36 22.72 -6.76
C LYS A 167 -48.62 22.18 -5.35
N VAL A 168 -48.22 22.90 -4.31
CA VAL A 168 -48.52 22.46 -2.93
C VAL A 168 -49.95 22.81 -2.53
N GLU A 169 -50.29 24.10 -2.59
CA GLU A 169 -51.65 24.53 -2.23
C GLU A 169 -52.69 23.96 -3.21
N GLN A 170 -52.23 23.58 -4.41
CA GLN A 170 -53.08 22.97 -5.41
C GLN A 170 -53.14 21.46 -5.24
N GLY A 171 -52.38 20.96 -4.26
CA GLY A 171 -52.41 19.56 -3.86
C GLY A 171 -51.97 18.58 -4.92
N LYS A 172 -51.17 19.04 -5.89
CA LYS A 172 -50.72 18.19 -7.00
C LYS A 172 -49.46 17.45 -6.61
N SER A 173 -49.58 16.65 -5.57
CA SER A 173 -48.50 15.79 -5.11
C SER A 173 -48.28 14.68 -6.12
N ARG A 174 -47.35 13.78 -5.83
CA ARG A 174 -47.11 12.67 -6.74
C ARG A 174 -47.31 11.34 -6.03
N LEU A 175 -47.75 10.34 -6.80
CA LEU A 175 -48.07 9.01 -6.29
C LEU A 175 -47.07 7.94 -6.75
N ILE A 176 -46.71 7.11 -5.79
CA ILE A 176 -45.91 5.92 -5.95
C ILE A 176 -46.84 4.67 -5.95
N GLU A 177 -46.66 3.72 -6.87
CA GLU A 177 -47.41 2.46 -6.84
C GLU A 177 -46.44 1.33 -6.57
N ALA A 178 -46.31 0.92 -5.30
CA ALA A 178 -45.32 -0.08 -4.91
C ALA A 178 -45.65 -1.44 -5.52
N SER A 179 -44.78 -1.89 -6.42
CA SER A 179 -44.91 -3.20 -7.04
C SER A 179 -44.65 -4.24 -5.97
N SER A 180 -45.36 -5.36 -6.07
CA SER A 180 -45.13 -6.49 -5.19
C SER A 180 -43.82 -7.16 -5.57
N LEU A 181 -43.07 -7.55 -4.54
CA LEU A 181 -41.87 -8.36 -4.73
C LEU A 181 -42.06 -9.48 -5.75
N ASN A 182 -43.23 -10.13 -5.69
CA ASN A 182 -43.55 -11.27 -6.52
C ASN A 182 -43.61 -10.91 -7.99
N ASP A 183 -44.14 -9.74 -8.29
CA ASP A 183 -44.26 -9.34 -9.69
C ASP A 183 -42.97 -8.78 -10.25
N SER A 184 -42.21 -8.06 -9.41
CA SER A 184 -40.90 -7.57 -9.78
C SER A 184 -40.06 -8.77 -10.22
N VAL A 185 -39.99 -9.79 -9.38
CA VAL A 185 -39.21 -10.98 -9.75
C VAL A 185 -39.73 -11.67 -11.02
N ALA A 186 -41.04 -11.87 -11.13
CA ALA A 186 -41.65 -12.43 -12.34
C ALA A 186 -41.29 -11.61 -13.58
N MET A 187 -41.51 -10.30 -13.46
CA MET A 187 -41.21 -9.35 -14.54
C MET A 187 -39.77 -9.43 -15.01
N ARG A 188 -38.85 -9.53 -14.05
CA ARG A 188 -37.44 -9.63 -14.37
C ARG A 188 -37.08 -10.98 -15.02
N MET A 189 -37.77 -12.05 -14.62
CA MET A 189 -37.45 -13.34 -15.24
C MET A 189 -37.90 -13.33 -16.70
N ALA A 190 -39.03 -12.70 -16.96
CA ALA A 190 -39.50 -12.55 -18.34
C ALA A 190 -38.70 -11.53 -19.16
N PHE A 191 -38.33 -10.38 -18.58
CA PHE A 191 -37.77 -9.29 -19.39
C PHE A 191 -36.34 -8.84 -19.01
N GLY A 192 -35.71 -9.52 -18.06
CA GLY A 192 -34.42 -9.06 -17.56
C GLY A 192 -33.24 -9.28 -18.50
N ASN A 193 -33.51 -9.52 -19.77
CA ASN A 193 -32.46 -9.68 -20.75
C ASN A 193 -32.73 -8.65 -21.80
N LEU A 194 -33.95 -8.13 -21.76
CA LEU A 194 -34.31 -7.00 -22.57
C LEU A 194 -33.79 -5.75 -21.83
N TYR A 195 -34.11 -5.70 -20.53
CA TYR A 195 -33.60 -4.69 -19.63
C TYR A 195 -32.08 -4.47 -19.81
N ALA A 196 -31.31 -5.56 -19.82
CA ALA A 196 -29.85 -5.46 -19.90
C ALA A 196 -29.36 -4.91 -21.26
N ALA A 197 -30.16 -5.10 -22.29
CA ALA A 197 -29.70 -4.70 -23.60
C ALA A 197 -30.06 -3.26 -23.92
N PHE A 198 -31.03 -2.71 -23.21
CA PHE A 198 -31.27 -1.27 -23.31
C PHE A 198 -30.22 -0.57 -22.43
N HIS A 199 -29.96 -1.16 -21.25
CA HIS A 199 -28.98 -0.59 -20.32
C HIS A 199 -27.58 -0.40 -20.96
N LYS A 200 -27.21 -1.29 -21.88
CA LYS A 200 -25.88 -1.25 -22.48
C LYS A 200 -25.88 -0.69 -23.90
N ASN A 201 -27.04 -0.23 -24.34
CA ASN A 201 -27.14 0.38 -25.65
C ASN A 201 -27.88 1.71 -25.67
N PRO A 202 -27.57 2.61 -24.72
CA PRO A 202 -28.25 3.89 -24.84
C PRO A 202 -27.72 4.65 -26.06
N GLY A 203 -28.62 5.29 -26.80
CA GLY A 203 -28.27 6.00 -28.02
C GLY A 203 -29.49 6.14 -28.92
N VAL A 204 -29.25 6.44 -30.21
CA VAL A 204 -30.33 6.65 -31.17
C VAL A 204 -30.75 5.33 -31.81
N ILE A 205 -30.08 4.27 -31.41
CA ILE A 205 -30.37 2.90 -31.83
C ILE A 205 -31.61 2.34 -31.07
N THR A 206 -31.50 2.27 -29.75
CA THR A 206 -32.62 1.98 -28.87
C THR A 206 -33.62 3.13 -28.76
N GLY A 207 -33.14 4.35 -28.94
CA GLY A 207 -33.92 5.56 -28.71
C GLY A 207 -34.13 5.79 -27.22
N SER A 208 -33.21 5.26 -26.42
CA SER A 208 -33.32 5.36 -24.97
C SER A 208 -32.02 5.84 -24.26
N ALA A 209 -32.17 6.53 -23.12
CA ALA A 209 -31.03 7.14 -22.41
C ALA A 209 -30.65 6.44 -21.12
N VAL A 210 -31.40 5.41 -20.78
CA VAL A 210 -31.16 4.60 -19.60
C VAL A 210 -29.81 3.88 -19.71
N GLY A 211 -28.98 4.03 -18.69
CA GLY A 211 -27.67 3.40 -18.67
C GLY A 211 -26.55 4.39 -18.95
N CYS A 212 -26.89 5.56 -19.51
CA CYS A 212 -25.88 6.53 -19.90
C CYS A 212 -25.53 7.41 -18.70
N ASP A 213 -24.34 8.00 -18.77
CA ASP A 213 -23.70 8.80 -17.72
C ASP A 213 -23.38 10.18 -18.27
N PRO A 214 -24.24 11.16 -17.96
CA PRO A 214 -24.26 12.47 -18.63
C PRO A 214 -22.88 13.15 -18.63
N ASP A 215 -22.07 12.87 -17.62
CA ASP A 215 -20.74 13.46 -17.53
C ASP A 215 -19.94 13.16 -18.78
N LEU A 216 -20.21 11.98 -19.36
CA LEU A 216 -19.42 11.50 -20.49
C LEU A 216 -20.23 11.53 -21.75
N PHE A 217 -21.46 11.12 -21.63
CA PHE A 217 -22.22 10.85 -22.83
C PHE A 217 -22.76 12.15 -23.41
N TRP A 218 -22.42 13.30 -22.80
CA TRP A 218 -23.00 14.53 -23.31
C TRP A 218 -22.28 14.87 -24.60
N SER A 219 -21.05 14.37 -24.73
CA SER A 219 -20.24 14.65 -25.91
C SER A 219 -20.71 13.77 -27.09
N LYS A 220 -21.07 12.51 -26.84
CA LYS A 220 -21.59 11.67 -27.92
C LYS A 220 -22.89 12.18 -28.57
N ILE A 221 -23.59 13.11 -27.94
CA ILE A 221 -24.97 13.40 -28.38
C ILE A 221 -25.12 14.36 -29.59
N PRO A 222 -24.42 15.52 -29.60
CA PRO A 222 -24.48 16.38 -30.80
C PRO A 222 -24.13 15.65 -32.10
N VAL A 223 -23.08 14.84 -32.02
CA VAL A 223 -22.64 13.94 -33.07
C VAL A 223 -23.82 13.10 -33.65
N LEU A 224 -24.65 12.55 -32.78
CA LEU A 224 -25.73 11.62 -33.17
C LEU A 224 -27.01 12.30 -33.71
N MET A 225 -27.25 13.55 -33.34
CA MET A 225 -28.45 14.21 -33.82
C MET A 225 -28.33 14.68 -35.29
N GLU A 226 -29.47 14.88 -35.96
CA GLU A 226 -29.48 15.41 -37.31
C GLU A 226 -29.43 16.93 -37.23
N GLU A 227 -29.74 17.62 -38.32
CA GLU A 227 -29.60 19.08 -38.35
C GLU A 227 -30.51 19.82 -37.37
N LYS A 228 -31.66 20.26 -37.86
CA LYS A 228 -32.57 21.05 -37.04
C LYS A 228 -33.19 20.21 -35.91
N LEU A 229 -33.43 20.85 -34.77
CA LEU A 229 -33.91 20.11 -33.60
C LEU A 229 -35.41 20.35 -33.36
N PHE A 230 -36.04 19.42 -32.63
CA PHE A 230 -37.38 19.66 -32.10
C PHE A 230 -37.51 18.95 -30.77
N ALA A 231 -38.43 19.43 -29.95
CA ALA A 231 -38.62 18.89 -28.61
C ALA A 231 -39.88 19.47 -27.98
N PHE A 232 -40.45 18.72 -27.05
CA PHE A 232 -41.57 19.22 -26.29
C PHE A 232 -41.57 18.64 -24.88
N ASP A 233 -42.66 18.89 -24.17
CA ASP A 233 -42.83 18.43 -22.81
C ASP A 233 -44.24 17.81 -22.73
N TYR A 234 -44.47 16.91 -21.77
CA TYR A 234 -45.79 16.30 -21.62
C TYR A 234 -46.50 16.70 -20.34
N THR A 235 -47.82 16.77 -20.40
CA THR A 235 -48.54 16.96 -19.16
C THR A 235 -49.10 15.63 -18.68
N GLY A 236 -48.42 15.04 -17.70
CA GLY A 236 -48.81 13.78 -17.12
C GLY A 236 -48.80 12.61 -18.08
N TYR A 237 -47.61 12.29 -18.58
CA TYR A 237 -47.39 11.21 -19.55
C TYR A 237 -47.95 9.87 -19.11
N ASP A 238 -47.44 9.37 -18.00
CA ASP A 238 -47.77 8.03 -17.51
C ASP A 238 -49.27 7.80 -17.40
N ALA A 239 -49.99 8.83 -16.98
CA ALA A 239 -51.40 8.69 -16.67
C ALA A 239 -52.26 8.99 -17.89
N SER A 240 -51.66 9.56 -18.92
CA SER A 240 -52.42 9.89 -20.11
C SER A 240 -52.32 8.77 -21.16
N LEU A 241 -51.54 7.73 -20.89
CA LEU A 241 -51.40 6.66 -21.85
C LEU A 241 -52.68 5.78 -21.94
N SER A 242 -53.30 5.77 -23.12
CA SER A 242 -54.47 4.94 -23.43
C SER A 242 -54.01 3.52 -23.75
N PRO A 243 -54.87 2.50 -23.48
CA PRO A 243 -54.45 1.10 -23.60
C PRO A 243 -53.97 0.73 -25.00
N ALA A 244 -54.55 1.33 -26.03
CA ALA A 244 -54.09 1.10 -27.41
C ALA A 244 -52.56 1.19 -27.58
N TRP A 245 -51.90 2.05 -26.79
CA TRP A 245 -50.44 2.16 -26.87
C TRP A 245 -49.76 0.93 -26.27
N PHE A 246 -50.40 0.33 -25.28
CA PHE A 246 -49.89 -0.90 -24.69
C PHE A 246 -49.94 -1.97 -25.78
N GLU A 247 -50.98 -1.89 -26.61
CA GLU A 247 -51.10 -2.80 -27.73
C GLU A 247 -49.95 -2.57 -28.72
N ALA A 248 -49.66 -1.31 -29.05
CA ALA A 248 -48.56 -1.06 -29.96
C ALA A 248 -47.25 -1.53 -29.34
N LEU A 249 -47.12 -1.39 -28.03
CA LEU A 249 -45.91 -1.88 -27.36
C LEU A 249 -45.79 -3.38 -27.55
N LYS A 250 -46.86 -4.09 -27.22
CA LYS A 250 -46.91 -5.55 -27.31
C LYS A 250 -46.64 -6.09 -28.70
N MET A 251 -47.09 -5.36 -29.71
CA MET A 251 -46.78 -5.71 -31.10
C MET A 251 -45.25 -5.66 -31.28
N VAL A 252 -44.64 -4.57 -30.83
CA VAL A 252 -43.18 -4.44 -30.92
C VAL A 252 -42.47 -5.55 -30.15
N LEU A 253 -43.01 -5.87 -28.99
CA LEU A 253 -42.49 -6.99 -28.21
C LEU A 253 -42.63 -8.30 -28.97
N GLU A 254 -43.80 -8.51 -29.57
CA GLU A 254 -44.07 -9.71 -30.37
C GLU A 254 -43.05 -9.82 -31.53
N LYS A 255 -42.85 -8.69 -32.23
CA LYS A 255 -41.97 -8.64 -33.41
C LYS A 255 -40.51 -9.04 -33.14
N ILE A 256 -40.08 -8.95 -31.89
CA ILE A 256 -38.66 -9.12 -31.61
C ILE A 256 -38.39 -10.30 -30.69
N GLY A 257 -39.40 -11.16 -30.50
CA GLY A 257 -39.17 -12.44 -29.89
C GLY A 257 -39.49 -12.54 -28.41
N PHE A 258 -40.60 -11.94 -27.99
CA PHE A 258 -41.00 -11.99 -26.59
C PHE A 258 -42.44 -12.40 -26.50
N GLY A 259 -42.90 -13.01 -27.60
CA GLY A 259 -44.27 -13.46 -27.79
C GLY A 259 -44.97 -13.97 -26.55
N ASP A 260 -44.30 -14.84 -25.78
CA ASP A 260 -44.90 -15.50 -24.61
C ASP A 260 -45.34 -14.51 -23.52
N ARG A 261 -44.43 -13.62 -23.16
CA ARG A 261 -44.63 -12.80 -21.99
C ARG A 261 -45.42 -11.54 -22.31
N VAL A 262 -45.75 -11.33 -23.59
CA VAL A 262 -46.40 -10.08 -23.98
C VAL A 262 -47.77 -9.84 -23.35
N ASP A 263 -48.25 -10.80 -22.55
CA ASP A 263 -49.51 -10.63 -21.84
C ASP A 263 -49.27 -10.03 -20.45
N TYR A 264 -48.01 -10.04 -20.03
CA TYR A 264 -47.56 -9.33 -18.83
C TYR A 264 -47.86 -7.82 -18.93
N ILE A 265 -47.68 -7.28 -20.12
CA ILE A 265 -48.05 -5.91 -20.41
C ILE A 265 -49.51 -5.62 -20.01
N ASP A 266 -50.41 -6.57 -20.20
CA ASP A 266 -51.82 -6.39 -19.85
C ASP A 266 -51.99 -6.08 -18.37
N TYR A 267 -51.07 -6.61 -17.56
CA TYR A 267 -51.09 -6.41 -16.12
C TYR A 267 -50.79 -4.97 -15.75
N LEU A 268 -50.37 -4.19 -16.75
CA LEU A 268 -49.97 -2.80 -16.56
C LEU A 268 -51.11 -1.80 -16.91
N ASN A 269 -51.83 -1.97 -18.01
CA ASN A 269 -52.94 -1.04 -18.29
C ASN A 269 -54.14 -1.37 -17.45
N HIS A 270 -54.41 -2.66 -17.29
CA HIS A 270 -55.39 -3.11 -16.30
C HIS A 270 -54.64 -3.45 -15.05
N SER A 271 -55.03 -2.87 -13.92
CA SER A 271 -54.32 -3.06 -12.64
C SER A 271 -55.16 -2.67 -11.42
N HIS A 272 -54.77 -3.18 -10.27
CA HIS A 272 -55.49 -2.92 -9.05
C HIS A 272 -54.55 -2.34 -8.01
N HIS A 273 -55.06 -1.33 -7.31
CA HIS A 273 -54.25 -0.53 -6.42
C HIS A 273 -54.84 -0.43 -5.02
N LEU A 274 -53.98 -0.52 -4.02
CA LEU A 274 -54.41 -0.32 -2.64
C LEU A 274 -53.97 1.07 -2.13
N TYR A 275 -54.92 1.83 -1.58
CA TYR A 275 -54.66 3.17 -1.06
C TYR A 275 -55.40 3.40 0.24
N LYS A 276 -54.70 3.17 1.36
CA LYS A 276 -55.26 3.36 2.70
C LYS A 276 -56.45 2.43 2.98
N ASN A 277 -57.65 2.98 3.03
CA ASN A 277 -58.81 2.16 3.37
C ASN A 277 -59.68 1.83 2.15
N LYS A 278 -59.25 2.33 0.98
CA LYS A 278 -59.97 2.10 -0.26
C LYS A 278 -59.17 1.20 -1.20
N THR A 279 -59.85 0.73 -2.26
CA THR A 279 -59.29 -0.13 -3.30
C THR A 279 -59.83 0.32 -4.63
N TYR A 280 -59.01 0.31 -5.68
CA TYR A 280 -59.51 0.76 -6.96
C TYR A 280 -58.89 0.07 -8.17
N CYS A 281 -59.44 0.37 -9.34
CA CYS A 281 -59.06 -0.33 -10.55
C CYS A 281 -58.75 0.70 -11.61
N VAL A 282 -57.74 0.47 -12.44
CA VAL A 282 -57.34 1.48 -13.43
C VAL A 282 -57.10 0.82 -14.74
N LYS A 283 -57.69 1.36 -15.81
CA LYS A 283 -57.46 0.87 -17.18
C LYS A 283 -56.71 1.93 -18.01
N GLY A 284 -55.55 1.54 -18.54
CA GLY A 284 -54.64 2.48 -19.16
C GLY A 284 -53.72 3.04 -18.08
N GLY A 285 -52.72 3.83 -18.48
CA GLY A 285 -51.80 4.45 -17.53
C GLY A 285 -50.69 3.51 -17.09
N MET A 286 -49.43 3.89 -17.29
CA MET A 286 -48.33 3.05 -16.80
C MET A 286 -48.08 3.31 -15.32
N PRO A 287 -48.20 2.25 -14.48
CA PRO A 287 -48.09 2.46 -13.04
C PRO A 287 -46.66 2.77 -12.64
N SER A 288 -46.47 3.59 -11.61
CA SER A 288 -45.16 4.05 -11.21
C SER A 288 -44.15 2.94 -10.99
N GLY A 289 -44.43 2.09 -10.02
CA GLY A 289 -43.39 1.23 -9.48
C GLY A 289 -43.12 -0.14 -10.07
N MET A 290 -43.61 -0.41 -11.28
CA MET A 290 -43.42 -1.75 -11.86
C MET A 290 -41.99 -1.94 -12.24
N SER A 291 -41.60 -3.17 -12.54
CA SER A 291 -40.30 -3.38 -13.16
C SER A 291 -40.42 -2.98 -14.61
N GLY A 292 -39.43 -2.24 -15.10
CA GLY A 292 -39.37 -1.95 -16.52
C GLY A 292 -40.11 -0.69 -16.92
N THR A 293 -40.90 -0.12 -16.01
CA THR A 293 -41.65 1.10 -16.37
C THR A 293 -40.74 2.15 -17.00
N SER A 294 -39.47 2.18 -16.60
CA SER A 294 -38.53 3.11 -17.22
C SER A 294 -38.38 2.83 -18.69
N ILE A 295 -38.09 1.57 -18.99
CA ILE A 295 -37.79 1.16 -20.34
C ILE A 295 -39.03 1.17 -21.24
N PHE A 296 -40.15 0.66 -20.75
CA PHE A 296 -41.38 0.66 -21.53
C PHE A 296 -41.83 2.09 -21.89
N ASN A 297 -41.82 2.99 -20.91
CA ASN A 297 -42.17 4.39 -21.16
C ASN A 297 -41.34 5.01 -22.25
N SER A 298 -40.08 4.56 -22.37
CA SER A 298 -39.21 5.05 -23.44
C SER A 298 -39.66 4.51 -24.78
N MET A 299 -39.86 3.20 -24.85
CA MET A 299 -40.28 2.58 -26.11
C MET A 299 -41.57 3.21 -26.63
N ILE A 300 -42.50 3.49 -25.74
CA ILE A 300 -43.76 4.06 -26.16
C ILE A 300 -43.56 5.50 -26.63
N ASN A 301 -42.63 6.23 -26.03
CA ASN A 301 -42.29 7.57 -26.52
C ASN A 301 -41.73 7.49 -27.94
N ASN A 302 -40.92 6.46 -28.20
CA ASN A 302 -40.32 6.29 -29.52
C ASN A 302 -41.40 6.08 -30.55
N LEU A 303 -42.46 5.39 -30.11
CA LEU A 303 -43.60 5.10 -30.96
C LEU A 303 -44.50 6.34 -31.10
N ILE A 304 -44.52 7.21 -30.08
CA ILE A 304 -45.42 8.36 -30.10
C ILE A 304 -44.92 9.41 -31.10
N ILE A 305 -43.61 9.51 -31.28
CA ILE A 305 -43.06 10.50 -32.22
C ILE A 305 -43.14 9.97 -33.66
N ARG A 306 -42.83 8.70 -33.84
CA ARG A 306 -43.02 8.08 -35.15
C ARG A 306 -44.48 8.17 -35.60
N THR A 307 -45.45 7.91 -34.71
CA THR A 307 -46.85 8.02 -35.13
C THR A 307 -47.15 9.48 -35.46
N LEU A 308 -46.97 10.36 -34.48
CA LEU A 308 -47.27 11.77 -34.66
C LEU A 308 -46.46 12.42 -35.80
N LEU A 309 -45.31 11.84 -36.17
CA LEU A 309 -44.62 12.34 -37.36
C LEU A 309 -45.40 11.96 -38.61
N LEU A 310 -45.58 10.66 -38.82
CA LEU A 310 -46.31 10.14 -39.98
C LEU A 310 -47.65 10.84 -40.17
N LYS A 311 -48.38 11.03 -39.07
CA LYS A 311 -49.69 11.65 -39.11
C LYS A 311 -49.66 13.09 -39.64
N THR A 312 -48.76 13.90 -39.10
CA THR A 312 -48.77 15.36 -39.28
C THR A 312 -47.89 15.85 -40.44
N TYR A 313 -46.97 15.01 -40.87
CA TYR A 313 -46.14 15.33 -42.05
C TYR A 313 -46.32 14.22 -43.07
N LYS A 314 -47.50 14.16 -43.69
CA LYS A 314 -47.91 13.07 -44.58
C LYS A 314 -46.87 12.83 -45.68
N GLY A 315 -46.16 11.70 -45.59
CA GLY A 315 -45.01 11.45 -46.43
C GLY A 315 -43.74 11.95 -45.76
N ILE A 316 -43.10 11.05 -45.02
CA ILE A 316 -41.92 11.41 -44.24
C ILE A 316 -41.10 10.16 -43.99
N ASP A 317 -39.79 10.24 -44.20
CA ASP A 317 -38.93 9.07 -44.05
C ASP A 317 -38.44 8.97 -42.62
N LEU A 318 -38.90 7.94 -41.90
CA LEU A 318 -38.60 7.78 -40.48
C LEU A 318 -37.16 7.32 -40.21
N ASP A 319 -36.42 6.94 -41.26
CA ASP A 319 -35.04 6.48 -41.08
C ASP A 319 -34.12 7.68 -40.80
N HIS A 320 -34.58 8.87 -41.13
CA HIS A 320 -33.83 10.11 -40.90
C HIS A 320 -34.22 10.77 -39.58
N LEU A 321 -34.87 10.03 -38.69
CA LEU A 321 -35.27 10.54 -37.36
C LEU A 321 -34.38 9.97 -36.28
N LYS A 322 -33.66 10.85 -35.59
CA LYS A 322 -32.80 10.40 -34.50
C LYS A 322 -33.29 11.01 -33.18
N MET A 323 -33.66 10.14 -32.25
CA MET A 323 -34.10 10.55 -30.91
C MET A 323 -33.52 9.71 -29.78
N ILE A 324 -33.56 10.28 -28.58
CA ILE A 324 -33.27 9.54 -27.37
C ILE A 324 -34.32 9.93 -26.34
N ALA A 325 -34.95 8.93 -25.71
CA ALA A 325 -35.96 9.20 -24.71
C ALA A 325 -35.48 8.67 -23.36
N TYR A 326 -35.90 9.32 -22.27
CA TYR A 326 -35.71 8.78 -20.92
C TYR A 326 -37.06 8.84 -20.23
N GLY A 327 -37.91 7.86 -20.54
CA GLY A 327 -39.31 7.95 -20.19
C GLY A 327 -39.94 9.05 -21.02
N ASP A 328 -40.62 9.99 -20.38
CA ASP A 328 -41.31 11.02 -21.15
C ASP A 328 -40.35 12.12 -21.63
N ASP A 329 -39.20 12.28 -20.98
CA ASP A 329 -38.22 13.26 -21.44
C ASP A 329 -37.64 12.79 -22.77
N VAL A 330 -37.27 13.73 -23.63
CA VAL A 330 -36.72 13.39 -24.95
C VAL A 330 -35.97 14.57 -25.61
N ILE A 331 -34.92 14.22 -26.34
CA ILE A 331 -34.19 15.12 -27.21
C ILE A 331 -34.35 14.59 -28.64
N ALA A 332 -34.64 15.45 -29.62
CA ALA A 332 -34.98 14.96 -30.96
C ALA A 332 -34.58 15.92 -32.09
N SER A 333 -34.14 15.33 -33.21
CA SER A 333 -33.59 16.06 -34.34
C SER A 333 -34.25 15.68 -35.67
N TYR A 334 -34.08 16.54 -36.68
CA TYR A 334 -34.49 16.23 -38.06
C TYR A 334 -33.66 17.00 -39.12
N PRO A 335 -33.50 16.41 -40.32
CA PRO A 335 -32.85 17.14 -41.41
C PRO A 335 -33.48 18.51 -41.66
N HIS A 336 -34.82 18.57 -41.69
CA HIS A 336 -35.52 19.84 -41.86
C HIS A 336 -36.24 20.14 -40.56
N GLU A 337 -36.44 21.41 -40.24
CA GLU A 337 -37.14 21.74 -39.00
C GLU A 337 -38.56 21.16 -39.04
N VAL A 338 -39.02 20.66 -37.90
CA VAL A 338 -40.41 20.25 -37.80
C VAL A 338 -41.06 21.15 -36.75
N ASP A 339 -42.38 21.28 -36.84
CA ASP A 339 -43.09 22.22 -36.00
C ASP A 339 -43.76 21.48 -34.85
N ALA A 340 -43.10 21.48 -33.70
CA ALA A 340 -43.60 20.81 -32.51
C ALA A 340 -45.03 21.24 -32.17
N SER A 341 -45.37 22.47 -32.57
CA SER A 341 -46.73 22.98 -32.39
C SER A 341 -47.80 22.14 -33.16
N LEU A 342 -47.43 21.66 -34.34
CA LEU A 342 -48.35 20.88 -35.17
C LEU A 342 -48.58 19.50 -34.55
N LEU A 343 -47.49 18.86 -34.13
CA LEU A 343 -47.57 17.57 -33.45
C LEU A 343 -48.47 17.68 -32.21
N ALA A 344 -48.26 18.71 -31.40
CA ALA A 344 -49.04 18.87 -30.18
C ALA A 344 -50.52 18.91 -30.53
N GLN A 345 -50.88 19.62 -31.59
CA GLN A 345 -52.26 19.61 -32.06
C GLN A 345 -52.64 18.16 -32.44
N SER A 346 -52.23 17.74 -33.64
CA SER A 346 -52.40 16.35 -34.06
C SER A 346 -51.64 15.46 -33.10
N GLY A 347 -52.19 15.31 -31.90
CA GLY A 347 -51.56 14.56 -30.82
C GLY A 347 -52.45 14.45 -29.59
N LYS A 348 -53.32 15.43 -29.37
CA LYS A 348 -54.33 15.29 -28.32
C LYS A 348 -55.40 14.33 -28.83
N ASP A 349 -55.39 14.12 -30.15
CA ASP A 349 -56.25 13.13 -30.79
C ASP A 349 -55.71 11.72 -30.52
N TYR A 350 -54.72 11.64 -29.63
CA TYR A 350 -54.14 10.39 -29.17
C TYR A 350 -54.07 10.32 -27.63
N GLY A 351 -54.66 11.31 -26.95
CA GLY A 351 -54.71 11.27 -25.49
C GLY A 351 -53.56 12.01 -24.82
N LEU A 352 -52.57 12.41 -25.63
CA LEU A 352 -51.36 13.06 -25.13
C LEU A 352 -51.48 14.56 -25.20
N THR A 353 -51.37 15.22 -24.05
CA THR A 353 -51.33 16.68 -24.03
C THR A 353 -49.87 17.14 -24.03
N MET A 354 -49.45 17.76 -25.13
CA MET A 354 -48.09 18.24 -25.27
C MET A 354 -47.99 19.76 -25.11
N THR A 355 -46.81 20.21 -24.66
CA THR A 355 -46.52 21.62 -24.34
C THR A 355 -45.13 21.97 -24.88
N PRO A 356 -44.70 23.27 -24.82
CA PRO A 356 -43.35 23.56 -25.30
C PRO A 356 -42.24 23.24 -24.30
N ALA A 357 -41.04 23.03 -24.83
CA ALA A 357 -39.87 22.60 -24.07
C ALA A 357 -39.43 23.68 -23.09
N ASP A 358 -39.17 23.27 -21.84
CA ASP A 358 -38.69 24.15 -20.78
C ASP A 358 -39.73 25.18 -20.40
N LYS A 359 -40.90 24.72 -19.98
CA LYS A 359 -41.98 25.58 -19.47
C LYS A 359 -42.13 26.87 -20.29
N SER A 360 -41.81 26.80 -21.59
CA SER A 360 -41.96 27.93 -22.50
C SER A 360 -43.44 28.22 -22.68
N ALA A 361 -43.78 29.27 -23.41
CA ALA A 361 -45.19 29.54 -23.64
C ALA A 361 -45.54 29.43 -25.11
N THR A 362 -44.51 29.23 -25.94
CA THR A 362 -44.65 29.29 -27.39
C THR A 362 -43.62 28.38 -28.06
N PHE A 363 -44.07 27.58 -29.03
CA PHE A 363 -43.17 26.62 -29.67
C PHE A 363 -42.09 27.35 -30.48
N GLU A 364 -40.94 27.54 -29.85
CA GLU A 364 -39.83 28.25 -30.47
C GLU A 364 -38.83 27.26 -31.02
N THR A 365 -38.13 27.65 -32.08
CA THR A 365 -37.08 26.82 -32.66
C THR A 365 -36.14 26.33 -31.57
N VAL A 366 -35.73 25.08 -31.67
CA VAL A 366 -34.89 24.43 -30.67
C VAL A 366 -33.45 24.49 -31.13
N THR A 367 -32.61 25.20 -30.38
CA THR A 367 -31.19 25.36 -30.71
C THR A 367 -30.32 24.63 -29.70
N TRP A 368 -29.06 24.33 -30.07
CA TRP A 368 -28.11 23.76 -29.10
C TRP A 368 -27.84 24.71 -27.90
N GLU A 369 -28.55 25.83 -27.84
CA GLU A 369 -28.32 26.80 -26.79
C GLU A 369 -29.46 26.77 -25.79
N ASN A 370 -30.67 26.49 -26.25
CA ASN A 370 -31.80 26.43 -25.30
C ASN A 370 -32.39 25.00 -25.10
N VAL A 371 -31.72 23.99 -25.66
CA VAL A 371 -32.17 22.61 -25.48
C VAL A 371 -31.68 22.04 -24.12
N THR A 372 -32.49 21.16 -23.53
CA THR A 372 -32.18 20.49 -22.27
C THR A 372 -32.53 19.00 -22.37
N PHE A 373 -31.71 18.18 -21.70
CA PHE A 373 -31.99 16.78 -21.51
C PHE A 373 -31.62 16.43 -20.08
N LEU A 374 -32.52 15.71 -19.40
CA LEU A 374 -32.35 15.39 -17.99
C LEU A 374 -32.01 16.65 -17.18
N LYS A 375 -32.72 17.73 -17.50
CA LYS A 375 -32.63 19.02 -16.82
C LYS A 375 -31.22 19.61 -16.80
N ARG A 376 -30.51 19.36 -17.90
CA ARG A 376 -29.16 19.83 -18.08
C ARG A 376 -28.99 20.43 -19.45
N PHE A 377 -28.15 21.47 -19.55
CA PHE A 377 -27.88 22.07 -20.83
C PHE A 377 -26.66 21.43 -21.45
N PHE A 378 -26.39 21.81 -22.69
CA PHE A 378 -25.21 21.44 -23.44
C PHE A 378 -24.36 22.70 -23.68
N ARG A 379 -23.09 22.67 -23.26
CA ARG A 379 -22.16 23.78 -23.52
C ARG A 379 -20.79 23.20 -23.80
N ALA A 380 -20.21 23.50 -24.97
CA ALA A 380 -18.91 22.95 -25.30
C ALA A 380 -17.82 23.58 -24.42
N ASP A 381 -16.80 22.80 -24.06
CA ASP A 381 -15.70 23.24 -23.21
C ASP A 381 -14.89 24.27 -23.94
N GLU A 382 -14.53 25.36 -23.27
CA GLU A 382 -13.76 26.41 -23.93
C GLU A 382 -12.43 25.89 -24.46
N LYS A 383 -11.68 25.20 -23.62
CA LYS A 383 -10.34 24.79 -23.99
C LYS A 383 -10.34 23.55 -24.90
N TYR A 384 -11.50 22.87 -24.97
CA TYR A 384 -11.61 21.62 -25.75
C TYR A 384 -13.00 21.42 -26.34
N PRO A 385 -13.30 22.18 -27.40
CA PRO A 385 -14.62 22.33 -28.03
C PRO A 385 -15.38 21.03 -28.28
N PHE A 386 -14.67 19.92 -28.51
CA PHE A 386 -15.30 18.66 -28.84
C PHE A 386 -15.87 17.91 -27.62
N LEU A 387 -15.56 18.41 -26.43
CA LEU A 387 -16.01 17.84 -25.18
C LEU A 387 -17.16 18.68 -24.65
N ILE A 388 -18.37 18.12 -24.59
CA ILE A 388 -19.54 18.86 -24.12
C ILE A 388 -19.82 18.62 -22.63
N HIS A 389 -20.14 19.71 -21.92
CA HIS A 389 -20.49 19.75 -20.49
C HIS A 389 -21.99 19.60 -20.36
N PRO A 390 -22.45 18.74 -19.43
CA PRO A 390 -23.86 18.80 -19.06
C PRO A 390 -23.99 19.86 -18.00
N VAL A 391 -24.86 20.84 -18.22
CA VAL A 391 -24.86 22.00 -17.33
C VAL A 391 -26.21 22.17 -16.67
N MET A 392 -26.23 21.93 -15.36
CA MET A 392 -27.45 22.09 -14.60
C MET A 392 -27.44 23.44 -13.90
N PRO A 393 -28.44 24.28 -14.21
CA PRO A 393 -28.48 25.64 -13.67
C PRO A 393 -28.56 25.62 -12.16
N MET A 394 -27.77 26.48 -11.52
CA MET A 394 -27.66 26.49 -10.06
C MET A 394 -28.97 26.70 -9.31
N LYS A 395 -29.97 27.27 -9.96
CA LYS A 395 -31.29 27.47 -9.36
C LYS A 395 -31.80 26.36 -8.45
N GLU A 396 -31.82 25.12 -8.92
CA GLU A 396 -32.38 24.05 -8.10
C GLU A 396 -31.33 23.18 -7.47
N ILE A 397 -30.05 23.43 -7.76
CA ILE A 397 -28.99 22.92 -6.91
C ILE A 397 -29.12 23.68 -5.58
N HIS A 398 -29.50 24.95 -5.69
CA HIS A 398 -29.80 25.79 -4.55
C HIS A 398 -30.96 25.18 -3.74
N GLU A 399 -32.07 24.92 -4.43
CA GLU A 399 -33.24 24.36 -3.78
C GLU A 399 -32.93 23.07 -3.04
N SER A 400 -32.11 22.18 -3.60
CA SER A 400 -31.79 20.95 -2.89
C SER A 400 -31.00 21.10 -1.59
N ILE A 401 -30.19 22.15 -1.45
CA ILE A 401 -29.29 22.25 -0.30
C ILE A 401 -29.97 22.90 0.92
N ARG A 402 -31.10 23.57 0.70
CA ARG A 402 -31.80 24.29 1.77
C ARG A 402 -32.59 23.35 2.66
N TRP A 403 -32.39 22.05 2.43
CA TRP A 403 -33.19 20.96 2.99
C TRP A 403 -32.40 19.67 3.22
N THR A 404 -32.74 18.92 4.26
CA THR A 404 -32.10 17.63 4.53
C THR A 404 -33.08 16.58 5.08
N LYS A 405 -32.69 15.32 5.05
CA LYS A 405 -33.46 14.28 5.71
C LYS A 405 -32.70 13.83 6.95
N ASP A 406 -31.38 13.90 6.89
CA ASP A 406 -30.58 13.55 8.06
C ASP A 406 -29.27 14.33 8.04
N PRO A 407 -29.12 15.27 8.97
CA PRO A 407 -27.97 16.19 8.97
C PRO A 407 -26.67 15.42 9.10
N ARG A 408 -26.78 14.16 9.51
CA ARG A 408 -25.58 13.34 9.64
C ARG A 408 -24.96 13.03 8.28
N ASN A 409 -25.71 13.32 7.20
CA ASN A 409 -25.29 13.07 5.82
C ASN A 409 -24.90 14.33 5.02
N THR A 410 -24.63 15.43 5.71
CA THR A 410 -24.51 16.70 5.03
C THR A 410 -23.30 16.78 4.09
N GLN A 411 -22.21 16.13 4.50
CA GLN A 411 -21.00 16.03 3.68
C GLN A 411 -21.29 15.42 2.31
N ASP A 412 -21.88 14.23 2.32
CA ASP A 412 -22.20 13.52 1.08
C ASP A 412 -23.23 14.25 0.23
N HIS A 413 -24.31 14.73 0.84
CA HIS A 413 -25.27 15.55 0.10
C HIS A 413 -24.54 16.66 -0.67
N VAL A 414 -23.77 17.53 0.02
CA VAL A 414 -23.18 18.71 -0.63
C VAL A 414 -22.10 18.34 -1.66
N ARG A 415 -21.22 17.42 -1.31
CA ARG A 415 -20.27 16.93 -2.30
C ARG A 415 -20.97 16.42 -3.60
N SER A 416 -22.08 15.69 -3.50
CA SER A 416 -22.85 15.38 -4.72
C SER A 416 -23.29 16.63 -5.50
N LEU A 417 -23.72 17.66 -4.78
CA LEU A 417 -24.11 18.90 -5.42
C LEU A 417 -22.92 19.55 -6.18
N CYS A 418 -21.74 19.54 -5.58
CA CYS A 418 -20.55 20.06 -6.23
C CYS A 418 -20.25 19.37 -7.58
N LEU A 419 -20.42 18.04 -7.64
CA LEU A 419 -20.17 17.34 -8.90
C LEU A 419 -21.14 17.78 -9.99
N LEU A 420 -22.25 18.39 -9.61
CA LEU A 420 -23.23 18.86 -10.59
C LEU A 420 -22.96 20.29 -10.95
N ALA A 421 -22.57 21.06 -9.94
CA ALA A 421 -22.55 22.51 -10.01
C ALA A 421 -21.38 23.05 -10.83
N TRP A 422 -20.23 22.42 -10.72
CA TRP A 422 -19.01 23.00 -11.25
C TRP A 422 -19.05 23.18 -12.76
N HIS A 423 -19.87 22.41 -13.47
CA HIS A 423 -19.90 22.54 -14.93
C HIS A 423 -20.39 23.94 -15.34
N ASN A 424 -21.01 24.67 -14.40
CA ASN A 424 -21.42 26.06 -14.66
C ASN A 424 -20.17 26.93 -14.89
N GLY A 425 -19.01 26.47 -14.42
CA GLY A 425 -17.80 27.23 -14.54
C GLY A 425 -17.18 27.72 -13.24
N GLU A 426 -15.86 27.95 -13.29
CA GLU A 426 -15.05 28.28 -12.11
C GLU A 426 -15.62 29.43 -11.26
N GLU A 427 -16.08 30.49 -11.92
CA GLU A 427 -16.59 31.62 -11.16
C GLU A 427 -17.74 31.19 -10.26
N GLU A 428 -18.85 30.78 -10.89
CA GLU A 428 -20.05 30.43 -10.15
C GLU A 428 -19.78 29.29 -9.19
N TYR A 429 -18.92 28.35 -9.59
CA TYR A 429 -18.58 27.26 -8.68
C TYR A 429 -17.98 27.81 -7.37
N ASN A 430 -16.88 28.56 -7.48
CA ASN A 430 -16.30 29.18 -6.30
C ASN A 430 -17.27 30.10 -5.58
N LYS A 431 -18.15 30.74 -6.35
CA LYS A 431 -19.15 31.62 -5.76
C LYS A 431 -19.99 30.83 -4.80
N PHE A 432 -20.39 29.65 -5.27
CA PHE A 432 -21.16 28.67 -4.52
C PHE A 432 -20.36 28.23 -3.31
N LEU A 433 -19.17 27.69 -3.55
CA LEU A 433 -18.26 27.28 -2.46
C LEU A 433 -18.15 28.35 -1.36
N ALA A 434 -18.24 29.62 -1.77
CA ALA A 434 -18.18 30.74 -0.83
C ALA A 434 -19.40 30.79 0.13
N LYS A 435 -20.62 30.73 -0.42
CA LYS A 435 -21.81 30.74 0.43
C LYS A 435 -21.92 29.47 1.34
N ILE A 436 -21.42 28.33 0.88
CA ILE A 436 -21.31 27.15 1.75
C ILE A 436 -20.39 27.38 2.95
N ARG A 437 -19.17 27.84 2.68
CA ARG A 437 -18.20 28.05 3.76
C ARG A 437 -18.56 29.21 4.72
N SER A 438 -19.66 29.93 4.46
CA SER A 438 -20.11 31.02 5.33
C SER A 438 -21.07 30.60 6.47
N VAL A 439 -21.20 29.31 6.76
CA VAL A 439 -21.70 28.87 8.07
C VAL A 439 -20.69 27.86 8.62
N PRO A 440 -20.61 27.73 9.96
CA PRO A 440 -19.60 26.89 10.62
C PRO A 440 -19.36 25.50 10.00
N ILE A 441 -20.43 24.71 9.77
CA ILE A 441 -20.30 23.36 9.20
C ILE A 441 -20.07 23.40 7.70
N GLY A 442 -20.40 24.52 7.07
CA GLY A 442 -19.91 24.80 5.73
C GLY A 442 -18.38 24.81 5.66
N ARG A 443 -17.77 25.64 6.51
CA ARG A 443 -16.30 25.71 6.62
C ARG A 443 -15.68 24.34 6.94
N ALA A 444 -16.41 23.44 7.55
CA ALA A 444 -15.81 22.19 8.01
C ALA A 444 -15.84 21.08 6.95
N LEU A 445 -16.69 21.23 5.93
CA LEU A 445 -16.82 20.22 4.88
C LEU A 445 -15.50 19.92 4.15
N ASP A 446 -15.43 18.81 3.43
CA ASP A 446 -14.29 18.57 2.56
C ASP A 446 -14.77 18.63 1.12
N LEU A 447 -14.50 19.76 0.47
CA LEU A 447 -14.98 20.02 -0.87
C LEU A 447 -13.85 20.13 -1.88
N PRO A 448 -14.08 19.59 -3.07
CA PRO A 448 -13.06 19.65 -4.13
C PRO A 448 -13.00 21.04 -4.73
N GLU A 449 -11.91 21.36 -5.39
CA GLU A 449 -11.86 22.63 -6.09
C GLU A 449 -12.05 22.42 -7.59
N TYR A 450 -12.49 23.48 -8.27
CA TYR A 450 -12.71 23.48 -9.71
C TYR A 450 -11.60 22.71 -10.47
N SER A 451 -10.34 23.04 -10.21
CA SER A 451 -9.21 22.32 -10.80
C SER A 451 -9.29 20.80 -10.62
N THR A 452 -9.73 20.35 -9.46
CA THR A 452 -9.76 18.92 -9.23
C THR A 452 -10.90 18.25 -10.04
N LEU A 453 -12.08 18.87 -10.07
CA LEU A 453 -13.18 18.34 -10.88
C LEU A 453 -12.90 18.44 -12.40
N TYR A 454 -12.22 19.50 -12.82
CA TYR A 454 -11.88 19.64 -14.25
C TYR A 454 -10.84 18.61 -14.68
N ARG A 455 -9.78 18.44 -13.89
CA ARG A 455 -8.78 17.43 -14.21
C ARG A 455 -9.44 16.07 -14.38
N ARG A 456 -10.11 15.60 -13.32
CA ARG A 456 -10.76 14.29 -13.32
C ARG A 456 -11.74 14.16 -14.47
N TRP A 457 -12.53 15.20 -14.74
CA TRP A 457 -13.47 15.15 -15.87
C TRP A 457 -12.80 14.77 -17.19
N LEU A 458 -11.70 15.46 -17.49
CA LEU A 458 -10.88 15.19 -18.68
C LEU A 458 -10.26 13.79 -18.64
N ASP A 459 -9.64 13.42 -17.52
CA ASP A 459 -9.03 12.09 -17.38
C ASP A 459 -10.00 10.96 -17.68
N SER A 460 -11.28 11.20 -17.38
CA SER A 460 -12.29 10.14 -17.49
C SER A 460 -12.55 9.79 -18.94
N PHE A 461 -11.90 10.47 -19.88
CA PHE A 461 -11.93 9.97 -21.23
C PHE A 461 -10.65 9.15 -21.51
N GLY A 462 -9.72 9.14 -20.56
CA GLY A 462 -8.45 8.44 -20.75
C GLY A 462 -8.26 7.17 -19.95
N GLY D 1 55.20 -6.67 20.83
CA GLY D 1 55.10 -5.29 21.29
C GLY D 1 55.58 -5.05 22.70
N GLU D 2 56.34 -3.98 22.89
CA GLU D 2 56.92 -3.66 24.18
C GLU D 2 56.38 -2.31 24.66
N ILE D 3 56.09 -2.21 25.96
CA ILE D 3 55.85 -0.91 26.57
C ILE D 3 57.22 -0.19 26.79
N GLN D 4 57.38 1.00 26.24
CA GLN D 4 58.71 1.61 26.25
C GLN D 4 58.92 2.37 27.54
N TRP D 5 57.82 2.87 28.08
CA TRP D 5 57.83 3.64 29.31
C TRP D 5 56.41 3.95 29.72
N MET D 6 56.27 4.34 30.98
CA MET D 6 54.96 4.59 31.56
C MET D 6 55.15 5.44 32.81
N ARG D 7 54.39 6.54 32.88
CA ARG D 7 54.55 7.50 33.97
C ARG D 7 53.26 8.29 34.23
N PRO D 8 53.15 8.94 35.40
CA PRO D 8 51.98 9.78 35.68
C PRO D 8 51.74 10.80 34.59
N SER D 9 50.46 10.97 34.24
CA SER D 9 50.10 11.84 33.14
C SER D 9 50.35 13.29 33.45
N LYS D 10 49.93 13.72 34.64
CA LYS D 10 49.97 15.14 35.03
C LYS D 10 51.33 15.77 34.82
N GLU D 11 52.34 14.92 34.62
CA GLU D 11 53.69 15.37 34.39
C GLU D 11 54.23 15.00 32.98
N VAL D 12 53.32 14.62 32.09
CA VAL D 12 53.61 14.54 30.65
C VAL D 12 52.75 15.57 29.96
N GLY D 13 51.84 16.16 30.75
CA GLY D 13 50.99 17.23 30.27
C GLY D 13 49.63 16.73 29.81
N TYR D 14 49.38 15.45 30.02
CA TYR D 14 48.12 14.82 29.61
C TYR D 14 47.16 14.64 30.79
N PRO D 15 45.86 14.88 30.54
CA PRO D 15 44.84 14.84 31.60
C PRO D 15 44.53 13.42 32.10
N ILE D 16 44.08 13.36 33.35
CA ILE D 16 43.61 12.12 33.97
C ILE D 16 42.30 11.66 33.34
N ILE D 17 42.28 10.44 32.82
CA ILE D 17 41.10 9.91 32.16
C ILE D 17 40.24 9.15 33.16
N ASN D 18 39.00 9.58 33.34
CA ASN D 18 38.11 8.88 34.25
C ASN D 18 37.18 7.91 33.53
N ALA D 19 37.23 6.66 33.97
CA ALA D 19 36.48 5.59 33.32
C ALA D 19 35.52 4.88 34.29
N PRO D 20 34.35 4.45 33.79
CA PRO D 20 33.37 3.78 34.65
C PRO D 20 33.86 2.44 35.17
N SER D 21 33.45 2.10 36.39
CA SER D 21 33.90 0.85 37.00
C SER D 21 32.77 -0.18 37.15
N LYS D 22 31.55 0.24 36.86
CA LYS D 22 30.38 -0.63 36.95
C LYS D 22 30.03 -1.16 35.56
N THR D 23 29.79 -2.48 35.47
CA THR D 23 29.35 -3.12 34.24
C THR D 23 27.90 -2.77 33.93
N LYS D 24 27.51 -2.94 32.67
CA LYS D 24 26.16 -2.61 32.25
C LYS D 24 25.35 -3.91 32.06
N LEU D 25 26.02 -5.05 32.23
CA LEU D 25 25.38 -6.36 32.07
C LEU D 25 24.69 -6.87 33.33
N GLU D 26 23.35 -6.83 33.32
CA GLU D 26 22.53 -7.40 34.39
C GLU D 26 21.99 -8.75 33.93
N PRO D 27 21.67 -9.65 34.89
CA PRO D 27 21.07 -10.94 34.48
C PRO D 27 19.66 -10.73 33.95
N SER D 28 19.24 -11.67 33.11
CA SER D 28 18.03 -11.57 32.32
C SER D 28 16.99 -12.59 32.80
N ALA D 29 15.76 -12.43 32.33
CA ALA D 29 14.69 -13.35 32.69
C ALA D 29 15.00 -14.78 32.33
N PHE D 30 16.05 -14.99 31.54
CA PHE D 30 16.42 -16.33 31.14
C PHE D 30 17.65 -16.81 31.89
N HIS D 31 18.08 -16.06 32.90
CA HIS D 31 19.33 -16.40 33.58
C HIS D 31 19.36 -17.80 34.17
N TYR D 32 18.21 -18.26 34.65
CA TYR D 32 18.13 -19.54 35.33
C TYR D 32 17.57 -20.64 34.44
N VAL D 33 17.02 -20.24 33.29
CA VAL D 33 16.64 -21.25 32.31
C VAL D 33 17.87 -22.03 31.84
N PHE D 34 18.61 -21.47 30.89
CA PHE D 34 19.76 -22.12 30.25
C PHE D 34 20.98 -22.21 31.14
N GLU D 35 22.00 -22.93 30.69
CA GLU D 35 23.25 -23.07 31.44
C GLU D 35 24.39 -22.23 30.82
N GLY D 36 25.36 -21.85 31.63
CA GLY D 36 26.53 -21.16 31.14
C GLY D 36 27.45 -20.67 32.24
N VAL D 37 28.70 -20.38 31.88
CA VAL D 37 29.73 -20.03 32.86
C VAL D 37 30.28 -18.60 32.76
N LYS D 38 29.92 -17.85 31.74
CA LYS D 38 30.58 -16.57 31.55
C LYS D 38 29.97 -15.46 32.42
N GLU D 39 30.83 -14.81 33.20
CA GLU D 39 30.48 -13.62 33.98
C GLU D 39 30.97 -12.36 33.26
N PRO D 40 30.47 -11.17 33.68
CA PRO D 40 31.05 -9.94 33.12
C PRO D 40 32.51 -9.83 33.50
N ALA D 41 33.36 -9.41 32.57
CA ALA D 41 34.79 -9.36 32.81
C ALA D 41 35.18 -8.28 33.83
N VAL D 42 36.41 -8.34 34.32
CA VAL D 42 36.88 -7.43 35.36
C VAL D 42 37.04 -5.98 34.83
N LEU D 43 36.57 -5.01 35.59
CA LEU D 43 36.57 -3.62 35.15
C LEU D 43 37.57 -2.77 35.93
N THR D 44 37.48 -2.85 37.26
CA THR D 44 38.38 -2.13 38.14
C THR D 44 39.27 -3.09 38.94
N LYS D 45 40.14 -2.55 39.79
CA LYS D 45 41.19 -3.35 40.46
C LYS D 45 40.74 -3.97 41.79
N ASN D 46 39.63 -3.48 42.35
CA ASN D 46 39.15 -3.97 43.63
C ASN D 46 38.19 -5.18 43.55
N ASP D 47 37.93 -5.65 42.33
CA ASP D 47 37.00 -6.75 42.06
C ASP D 47 37.21 -7.98 42.96
N PRO D 48 36.21 -8.29 43.80
CA PRO D 48 36.18 -9.45 44.72
C PRO D 48 36.54 -10.79 44.07
N ARG D 49 36.42 -10.90 42.75
CA ARG D 49 36.60 -12.18 42.08
C ARG D 49 38.07 -12.45 41.73
N LEU D 50 38.90 -11.43 41.86
CA LEU D 50 40.28 -11.50 41.39
C LEU D 50 41.17 -12.48 42.18
N LYS D 51 42.01 -13.23 41.46
CA LYS D 51 43.11 -13.97 42.09
C LYS D 51 44.39 -13.13 42.12
N THR D 52 44.78 -12.59 40.97
CA THR D 52 46.04 -11.86 40.83
C THR D 52 45.83 -10.35 40.95
N ASP D 53 46.88 -9.59 40.61
CA ASP D 53 46.84 -8.14 40.47
C ASP D 53 46.27 -7.81 39.10
N PHE D 54 45.43 -6.78 39.04
CA PHE D 54 44.75 -6.36 37.83
C PHE D 54 45.68 -5.81 36.77
N GLU D 55 46.20 -4.62 37.09
CA GLU D 55 46.98 -3.80 36.16
C GLU D 55 48.16 -4.57 35.55
N GLU D 56 48.83 -5.36 36.39
CA GLU D 56 49.96 -6.18 35.96
C GLU D 56 49.58 -7.12 34.83
N ALA D 57 48.33 -7.59 34.85
CA ALA D 57 47.88 -8.68 34.01
C ALA D 57 47.25 -8.24 32.70
N ILE D 58 46.53 -7.13 32.70
CA ILE D 58 45.89 -6.69 31.46
C ILE D 58 46.89 -6.15 30.44
N PHE D 59 48.02 -5.63 30.92
CA PHE D 59 49.10 -5.14 30.06
C PHE D 59 50.11 -6.25 29.73
N SER D 60 49.89 -7.43 30.29
CA SER D 60 50.76 -8.59 30.07
C SER D 60 50.74 -9.09 28.62
N LYS D 61 49.73 -8.68 27.85
CA LYS D 61 49.65 -9.06 26.46
C LYS D 61 50.86 -8.51 25.66
N TYR D 62 51.42 -7.41 26.15
CA TYR D 62 52.54 -6.77 25.48
C TYR D 62 53.82 -7.57 25.69
N VAL D 63 53.88 -8.71 25.00
CA VAL D 63 54.96 -9.69 25.09
C VAL D 63 56.37 -9.09 25.15
N GLY D 64 56.63 -8.11 24.29
CA GLY D 64 57.99 -7.68 23.99
C GLY D 64 58.26 -8.03 22.54
N ASN D 65 58.87 -7.10 21.80
CA ASN D 65 59.17 -7.32 20.39
C ASN D 65 60.23 -8.42 20.19
N LYS D 66 60.38 -8.89 18.95
CA LYS D 66 61.21 -10.06 18.68
C LYS D 66 62.09 -9.88 17.46
N ILE D 67 61.50 -9.46 16.33
CA ILE D 67 62.34 -9.09 15.20
C ILE D 67 62.25 -7.58 14.97
N THR D 68 63.11 -7.07 14.10
CA THR D 68 63.19 -5.65 13.80
C THR D 68 63.52 -5.44 12.32
N GLU D 69 64.18 -6.45 11.75
CA GLU D 69 64.54 -6.41 10.34
C GLU D 69 63.66 -7.38 9.56
N VAL D 70 63.31 -7.01 8.33
CA VAL D 70 62.54 -7.83 7.42
C VAL D 70 63.46 -8.80 6.69
N ASP D 71 63.29 -10.11 6.93
CA ASP D 71 64.19 -11.11 6.37
C ASP D 71 63.81 -11.58 4.95
N GLU D 72 64.60 -12.53 4.44
CA GLU D 72 64.47 -12.98 3.06
C GLU D 72 63.17 -13.75 2.80
N TYR D 73 62.61 -14.37 3.83
CA TYR D 73 61.32 -15.02 3.67
C TYR D 73 60.21 -13.96 3.66
N MET D 74 60.14 -13.14 4.70
CA MET D 74 59.18 -12.02 4.72
C MET D 74 59.23 -11.17 3.45
N LYS D 75 60.44 -10.83 2.97
CA LYS D 75 60.61 -10.06 1.75
C LYS D 75 59.99 -10.77 0.55
N GLU D 76 60.10 -12.08 0.56
CA GLU D 76 59.60 -12.88 -0.54
C GLU D 76 58.09 -12.84 -0.51
N ALA D 77 57.55 -13.26 0.64
CA ALA D 77 56.12 -13.26 0.91
C ALA D 77 55.47 -11.95 0.47
N VAL D 78 56.15 -10.86 0.78
CA VAL D 78 55.68 -9.52 0.46
C VAL D 78 55.34 -9.41 -1.03
N ASP D 79 56.26 -9.83 -1.89
CA ASP D 79 56.05 -9.69 -3.32
C ASP D 79 54.93 -10.59 -3.82
N HIS D 80 54.81 -11.77 -3.22
CA HIS D 80 53.72 -12.64 -3.61
C HIS D 80 52.38 -12.06 -3.26
N TYR D 81 52.19 -11.75 -1.98
CA TYR D 81 50.91 -11.22 -1.54
C TYR D 81 50.57 -9.91 -2.26
N ALA D 82 51.51 -8.94 -2.23
CA ALA D 82 51.35 -7.70 -3.00
C ALA D 82 51.15 -7.98 -4.49
N GLY D 83 51.89 -8.97 -5.01
CA GLY D 83 51.71 -9.39 -6.38
C GLY D 83 50.25 -9.73 -6.60
N GLN D 84 49.76 -10.65 -5.77
CA GLN D 84 48.36 -11.08 -5.75
C GLN D 84 47.36 -9.92 -5.63
N LEU D 85 47.62 -9.01 -4.68
CA LEU D 85 46.76 -7.85 -4.48
C LEU D 85 46.61 -6.98 -5.72
N MET D 86 47.59 -7.03 -6.63
CA MET D 86 47.64 -6.13 -7.81
C MET D 86 46.52 -6.31 -8.83
N SER D 87 46.03 -7.54 -8.98
CA SER D 87 44.98 -7.85 -9.94
C SER D 87 43.68 -7.13 -9.56
N LEU D 88 43.58 -6.74 -8.29
CA LEU D 88 42.41 -6.02 -7.80
C LEU D 88 42.18 -4.70 -8.54
N ASP D 89 43.27 -4.02 -8.89
CA ASP D 89 43.21 -2.74 -9.62
C ASP D 89 42.33 -1.77 -8.82
N ILE D 90 42.89 -1.21 -7.75
CA ILE D 90 42.09 -0.44 -6.82
C ILE D 90 42.47 1.04 -6.78
N ASN D 91 41.45 1.89 -6.80
CA ASN D 91 41.66 3.34 -6.78
C ASN D 91 42.68 3.76 -5.70
N THR D 92 43.78 4.38 -6.12
CA THR D 92 44.84 4.76 -5.17
C THR D 92 44.62 6.18 -4.65
N GLU D 93 43.51 6.79 -5.03
CA GLU D 93 43.26 8.19 -4.73
C GLU D 93 43.12 8.48 -3.24
N GLN D 94 43.37 9.73 -2.88
CA GLN D 94 42.97 10.22 -1.56
C GLN D 94 41.44 10.25 -1.57
N MET D 95 40.83 9.95 -0.42
CA MET D 95 39.38 10.10 -0.27
C MET D 95 39.09 11.50 0.24
N CYS D 96 38.07 12.14 -0.33
CA CYS D 96 37.77 13.52 0.02
C CYS D 96 37.21 13.55 1.44
N LEU D 97 37.33 14.68 2.09
CA LEU D 97 36.97 14.78 3.50
C LEU D 97 35.50 14.43 3.77
N GLU D 98 34.60 14.81 2.85
CA GLU D 98 33.17 14.59 3.08
C GLU D 98 32.82 13.10 3.17
N ASP D 99 33.41 12.32 2.27
CA ASP D 99 33.24 10.87 2.21
C ASP D 99 33.72 10.21 3.49
N ALA D 100 35.02 10.27 3.72
CA ALA D 100 35.66 9.70 4.91
C ALA D 100 34.95 10.07 6.22
N MET D 101 34.14 11.10 6.17
CA MET D 101 33.35 11.50 7.33
C MET D 101 31.98 10.81 7.35
N TYR D 102 31.24 10.98 6.26
CA TYR D 102 29.81 10.71 6.21
C TYR D 102 29.39 9.50 5.39
N GLY D 103 30.35 8.70 4.95
CA GLY D 103 30.04 7.48 4.22
C GLY D 103 30.08 7.62 2.70
N THR D 104 30.21 6.46 2.03
CA THR D 104 30.22 6.37 0.57
C THR D 104 30.23 4.88 0.15
N ASP D 105 30.18 4.60 -1.16
CA ASP D 105 30.04 3.22 -1.62
C ASP D 105 31.24 2.35 -1.23
N GLY D 106 31.08 1.59 -0.14
CA GLY D 106 32.08 0.64 0.30
C GLY D 106 32.54 0.98 1.72
N LEU D 107 32.17 2.17 2.16
CA LEU D 107 32.58 2.68 3.46
C LEU D 107 31.40 3.33 4.16
N GLU D 108 31.11 2.88 5.37
CA GLU D 108 30.01 3.44 6.15
C GLU D 108 30.34 4.85 6.65
N ALA D 109 29.48 5.41 7.51
CA ALA D 109 29.77 6.72 8.06
C ALA D 109 30.56 6.52 9.35
N LEU D 110 31.17 7.59 9.88
CA LEU D 110 31.78 7.48 11.20
C LEU D 110 30.68 7.17 12.21
N ASP D 111 31.08 6.60 13.35
CA ASP D 111 30.16 6.11 14.38
C ASP D 111 29.77 7.19 15.39
N LEU D 112 28.62 7.83 15.17
CA LEU D 112 28.28 9.06 15.91
C LEU D 112 27.76 8.82 17.31
N SER D 113 28.03 7.65 17.90
CA SER D 113 27.54 7.34 19.24
C SER D 113 28.63 6.67 20.05
N THR D 114 29.86 7.03 19.71
CA THR D 114 31.06 6.55 20.36
C THR D 114 31.96 7.75 20.66
N SER D 115 32.89 7.55 21.58
CA SER D 115 33.81 8.60 21.98
C SER D 115 34.52 9.26 20.77
N ALA D 116 34.88 10.53 20.92
CA ALA D 116 35.60 11.22 19.88
C ALA D 116 37.10 11.12 20.17
N GLY D 117 37.44 10.64 21.35
CA GLY D 117 38.83 10.47 21.70
C GLY D 117 39.49 11.78 22.12
N TYR D 118 40.77 11.69 22.43
CA TYR D 118 41.53 12.85 22.89
C TYR D 118 41.65 13.90 21.79
N PRO D 119 41.50 15.20 22.14
CA PRO D 119 41.24 15.78 23.47
C PRO D 119 39.77 15.85 23.88
N TYR D 120 38.87 15.78 22.89
CA TYR D 120 37.44 15.97 23.07
C TYR D 120 36.83 15.31 24.31
N VAL D 121 37.26 14.08 24.63
CA VAL D 121 36.72 13.32 25.78
C VAL D 121 36.84 14.07 27.08
N ALA D 122 37.96 14.79 27.22
CA ALA D 122 38.27 15.51 28.43
C ALA D 122 37.84 16.97 28.31
N MET D 123 37.66 17.43 27.07
CA MET D 123 37.13 18.77 26.86
C MET D 123 35.59 18.80 26.96
N GLY D 124 34.98 17.64 27.12
CA GLY D 124 33.54 17.49 27.24
C GLY D 124 32.76 17.48 25.94
N LYS D 125 33.41 17.09 24.84
CA LYS D 125 32.79 17.15 23.51
C LYS D 125 32.55 15.78 22.83
N LYS D 126 31.33 15.56 22.34
CA LYS D 126 30.98 14.30 21.67
C LYS D 126 31.01 14.53 20.14
N LYS D 127 31.11 13.45 19.36
CA LYS D 127 31.17 13.55 17.90
C LYS D 127 30.03 14.36 17.31
N ARG D 128 28.84 14.26 17.92
CA ARG D 128 27.66 14.92 17.37
C ARG D 128 27.77 16.44 17.48
N ASP D 129 28.72 16.91 18.29
CA ASP D 129 28.99 18.34 18.41
C ASP D 129 29.80 18.82 17.22
N ILE D 130 30.29 17.89 16.40
CA ILE D 130 31.15 18.21 15.26
C ILE D 130 30.54 17.72 13.94
N LEU D 131 29.97 16.53 13.98
CA LEU D 131 29.39 15.90 12.79
C LEU D 131 27.87 16.12 12.68
N ASN D 132 27.39 16.14 11.44
CA ASN D 132 25.97 16.28 11.15
C ASN D 132 25.63 15.54 9.85
N LYS D 133 24.87 14.46 9.96
CA LYS D 133 24.63 13.56 8.81
C LYS D 133 23.78 14.22 7.72
N GLN D 134 23.00 15.22 8.12
CA GLN D 134 22.16 15.96 7.18
C GLN D 134 22.97 16.99 6.42
N THR D 135 23.53 17.95 7.16
CA THR D 135 24.30 19.02 6.55
C THR D 135 25.45 18.45 5.76
N ARG D 136 26.10 17.43 6.31
CA ARG D 136 27.33 16.87 5.72
C ARG D 136 28.39 17.96 5.62
N ASP D 137 28.49 18.71 6.72
CA ASP D 137 29.40 19.85 6.86
C ASP D 137 30.80 19.46 7.29
N THR D 138 31.78 19.73 6.42
CA THR D 138 33.19 19.52 6.75
C THR D 138 33.72 20.59 7.73
N LYS D 139 34.09 21.73 7.17
CA LYS D 139 34.47 22.96 7.92
C LYS D 139 34.84 22.83 9.42
N GLU D 140 33.83 22.61 10.27
CA GLU D 140 34.03 22.58 11.72
C GLU D 140 34.96 21.44 12.11
N MET D 141 34.98 20.42 11.26
CA MET D 141 35.93 19.33 11.40
C MET D 141 37.30 19.78 10.95
N GLN D 142 37.35 20.40 9.78
CA GLN D 142 38.59 20.91 9.21
C GLN D 142 39.26 21.91 10.17
N LYS D 143 38.46 22.64 10.94
CA LYS D 143 38.97 23.53 11.97
C LYS D 143 39.71 22.73 13.02
N LEU D 144 38.97 21.79 13.65
CA LEU D 144 39.51 20.96 14.72
C LEU D 144 40.60 20.05 14.18
N LEU D 145 40.66 19.90 12.86
CA LEU D 145 41.82 19.27 12.26
C LEU D 145 43.01 20.22 12.32
N ASP D 146 42.82 21.46 11.86
CA ASP D 146 43.89 22.46 11.80
C ASP D 146 44.35 22.84 13.21
N THR D 147 43.43 22.88 14.18
CA THR D 147 43.82 23.09 15.58
C THR D 147 44.68 21.94 16.11
N TYR D 148 44.10 20.75 16.21
CA TYR D 148 44.75 19.68 16.95
C TYR D 148 45.62 18.72 16.12
N GLY D 149 45.48 18.75 14.80
CA GLY D 149 46.37 17.95 13.96
C GLY D 149 46.17 16.46 14.17
N ILE D 150 47.17 15.65 13.82
CA ILE D 150 47.01 14.21 13.88
C ILE D 150 48.06 13.50 14.76
N ASN D 151 48.01 12.17 14.79
CA ASN D 151 48.89 11.38 15.64
C ASN D 151 48.67 11.78 17.09
N LEU D 152 47.44 11.68 17.57
CA LEU D 152 47.11 11.97 18.97
C LEU D 152 47.17 10.71 19.84
N PRO D 153 47.27 10.87 21.17
CA PRO D 153 47.36 9.66 21.99
C PRO D 153 46.03 8.90 22.08
N LEU D 154 46.08 7.56 22.10
CA LEU D 154 44.85 6.78 22.23
C LEU D 154 44.36 6.74 23.67
N VAL D 155 43.06 6.62 23.89
CA VAL D 155 42.57 6.48 25.26
C VAL D 155 42.23 5.01 25.55
N THR D 156 42.86 4.46 26.58
CA THR D 156 42.77 3.03 26.86
C THR D 156 41.60 2.65 27.80
N TYR D 157 40.65 1.88 27.28
CA TYR D 157 39.46 1.51 28.03
C TYR D 157 39.38 0.04 28.33
N VAL D 158 38.81 -0.32 29.49
CA VAL D 158 38.53 -1.74 29.72
C VAL D 158 37.24 -2.12 29.03
N LYS D 159 37.28 -3.23 28.31
CA LYS D 159 36.13 -3.65 27.49
C LYS D 159 35.02 -4.32 28.32
N ASP D 160 33.85 -3.68 28.34
CA ASP D 160 32.69 -4.21 29.05
C ASP D 160 32.05 -5.40 28.32
N GLU D 161 32.25 -6.62 28.83
CA GLU D 161 31.79 -7.81 28.13
C GLU D 161 31.83 -9.12 28.94
N LEU D 162 31.03 -10.12 28.54
CA LEU D 162 31.02 -11.44 29.20
C LEU D 162 32.32 -12.21 28.97
N ARG D 163 32.74 -12.97 29.99
CA ARG D 163 34.04 -13.60 29.91
C ARG D 163 34.11 -14.88 30.72
N SER D 164 34.93 -15.84 30.26
CA SER D 164 35.05 -17.15 30.91
C SER D 164 35.53 -17.08 32.35
N LYS D 165 35.63 -18.23 33.01
CA LYS D 165 35.90 -18.27 34.44
C LYS D 165 37.37 -18.05 34.74
N THR D 166 38.20 -18.92 34.18
CA THR D 166 39.64 -18.86 34.40
C THR D 166 40.20 -17.48 34.07
N LYS D 167 39.49 -16.76 33.21
CA LYS D 167 39.94 -15.46 32.71
C LYS D 167 39.39 -14.30 33.54
N VAL D 168 38.40 -14.53 34.40
CA VAL D 168 37.96 -13.48 35.32
C VAL D 168 38.89 -13.44 36.54
N GLU D 169 39.05 -14.57 37.21
CA GLU D 169 39.91 -14.67 38.39
C GLU D 169 41.41 -14.49 38.05
N GLN D 170 41.81 -14.81 36.82
CA GLN D 170 43.20 -14.62 36.41
C GLN D 170 43.35 -13.20 35.86
N GLY D 171 42.24 -12.46 35.88
CA GLY D 171 42.22 -11.04 35.57
C GLY D 171 42.59 -10.62 34.16
N LYS D 172 42.39 -11.52 33.19
CA LYS D 172 42.74 -11.31 31.79
C LYS D 172 41.63 -10.62 31.01
N SER D 173 41.27 -9.40 31.39
CA SER D 173 40.25 -8.62 30.68
C SER D 173 40.76 -8.23 29.30
N ARG D 174 40.01 -7.42 28.56
CA ARG D 174 40.50 -6.93 27.26
C ARG D 174 40.49 -5.40 27.20
N LEU D 175 41.42 -4.83 26.43
CA LEU D 175 41.59 -3.38 26.35
C LEU D 175 41.17 -2.76 25.01
N ILE D 176 40.48 -1.65 25.11
CA ILE D 176 40.11 -0.83 23.98
C ILE D 176 41.06 0.41 23.91
N GLU D 177 41.56 0.72 22.73
CA GLU D 177 42.38 1.93 22.56
C GLU D 177 41.61 2.88 21.66
N ALA D 178 40.88 3.81 22.26
CA ALA D 178 40.00 4.70 21.52
C ALA D 178 40.79 5.66 20.64
N SER D 179 40.66 5.48 19.33
CA SER D 179 41.29 6.36 18.36
C SER D 179 40.65 7.70 18.48
N SER D 180 41.46 8.75 18.28
CA SER D 180 40.94 10.11 18.23
C SER D 180 40.22 10.31 16.91
N LEU D 181 39.07 10.95 16.99
CA LEU D 181 38.29 11.38 15.84
C LEU D 181 39.16 11.90 14.70
N ASN D 182 40.19 12.66 15.08
CA ASN D 182 41.08 13.30 14.14
C ASN D 182 41.92 12.33 13.33
N ASP D 183 42.35 11.25 13.98
CA ASP D 183 43.21 10.31 13.28
C ASP D 183 42.38 9.40 12.42
N SER D 184 41.19 9.06 12.90
CA SER D 184 40.23 8.27 12.12
C SER D 184 39.94 8.97 10.80
N VAL D 185 39.56 10.24 10.87
CA VAL D 185 39.26 10.99 9.65
C VAL D 185 40.49 11.07 8.74
N ALA D 186 41.65 11.39 9.31
CA ALA D 186 42.89 11.37 8.53
C ALA D 186 43.11 9.98 7.92
N MET D 187 43.01 8.95 8.76
CA MET D 187 43.18 7.56 8.30
C MET D 187 42.24 7.18 7.15
N ARG D 188 40.99 7.62 7.22
CA ARG D 188 40.05 7.33 6.17
C ARG D 188 40.36 8.10 4.87
N MET D 189 40.87 9.32 4.99
CA MET D 189 41.17 10.10 3.78
C MET D 189 42.33 9.50 3.02
N ALA D 190 43.32 8.99 3.73
CA ALA D 190 44.44 8.30 3.10
C ALA D 190 44.05 6.93 2.54
N PHE D 191 43.27 6.15 3.30
CA PHE D 191 43.08 4.74 2.97
C PHE D 191 41.64 4.28 2.67
N GLY D 192 40.67 5.19 2.69
CA GLY D 192 39.27 4.82 2.54
C GLY D 192 38.83 4.40 1.14
N ASN D 193 39.77 4.05 0.29
CA ASN D 193 39.48 3.57 -1.06
C ASN D 193 40.16 2.23 -1.16
N LEU D 194 41.03 1.97 -0.22
CA LEU D 194 41.60 0.67 -0.03
C LEU D 194 40.58 -0.12 0.78
N TYR D 195 40.15 0.48 1.90
CA TYR D 195 39.06 -0.03 2.74
C TYR D 195 37.88 -0.51 1.88
N ALA D 196 37.42 0.33 0.96
CA ALA D 196 36.23 0.02 0.16
C ALA D 196 36.46 -1.16 -0.79
N ALA D 197 37.72 -1.39 -1.13
CA ALA D 197 38.04 -2.40 -2.11
C ALA D 197 38.28 -3.74 -1.47
N PHE D 198 38.58 -3.76 -0.18
CA PHE D 198 38.60 -5.03 0.53
C PHE D 198 37.14 -5.41 0.88
N HIS D 199 36.36 -4.43 1.34
CA HIS D 199 34.96 -4.62 1.72
C HIS D 199 34.16 -5.26 0.59
N LYS D 200 34.52 -4.94 -0.65
CA LYS D 200 33.76 -5.44 -1.80
C LYS D 200 34.45 -6.59 -2.50
N ASN D 201 35.57 -7.05 -1.96
CA ASN D 201 36.27 -8.19 -2.52
C ASN D 201 36.71 -9.26 -1.52
N PRO D 202 35.82 -9.63 -0.59
CA PRO D 202 36.27 -10.70 0.30
C PRO D 202 36.36 -12.05 -0.46
N GLY D 203 37.41 -12.83 -0.18
CA GLY D 203 37.66 -14.07 -0.88
C GLY D 203 39.12 -14.51 -0.78
N VAL D 204 39.56 -15.40 -1.68
CA VAL D 204 40.93 -15.91 -1.65
C VAL D 204 41.87 -15.02 -2.47
N ILE D 205 41.28 -13.97 -3.06
CA ILE D 205 41.94 -12.91 -3.81
C ILE D 205 42.63 -11.88 -2.88
N THR D 206 41.83 -11.21 -2.06
CA THR D 206 42.30 -10.35 -0.98
C THR D 206 42.84 -11.13 0.22
N GLY D 207 42.35 -12.36 0.37
CA GLY D 207 42.64 -13.19 1.52
C GLY D 207 41.95 -12.64 2.77
N SER D 208 40.88 -11.88 2.55
CA SER D 208 40.18 -11.23 3.65
C SER D 208 38.69 -11.47 3.67
N ALA D 209 38.11 -11.54 4.89
CA ALA D 209 36.72 -11.94 5.06
C ALA D 209 35.79 -10.78 5.38
N VAL D 210 36.40 -9.61 5.53
CA VAL D 210 35.68 -8.39 5.80
C VAL D 210 34.79 -8.04 4.61
N GLY D 211 33.50 -7.83 4.92
CA GLY D 211 32.48 -7.53 3.92
C GLY D 211 31.56 -8.70 3.57
N CYS D 212 31.97 -9.92 3.91
CA CYS D 212 31.13 -11.07 3.57
C CYS D 212 30.05 -11.27 4.66
N ASP D 213 29.00 -11.99 4.26
CA ASP D 213 27.78 -12.27 5.01
C ASP D 213 27.58 -13.77 5.10
N PRO D 214 27.96 -14.34 6.24
CA PRO D 214 28.15 -15.79 6.39
C PRO D 214 26.94 -16.62 5.97
N ASP D 215 25.75 -16.05 6.11
CA ASP D 215 24.53 -16.74 5.72
C ASP D 215 24.56 -17.13 4.24
N LEU D 216 25.28 -16.33 3.44
CA LEU D 216 25.32 -16.48 1.99
C LEU D 216 26.66 -16.99 1.57
N PHE D 217 27.66 -16.59 2.30
CA PHE D 217 29.03 -16.76 1.88
C PHE D 217 29.63 -18.08 2.29
N TRP D 218 28.86 -18.90 3.01
CA TRP D 218 29.43 -20.13 3.53
C TRP D 218 29.49 -21.14 2.40
N SER D 219 28.65 -20.91 1.39
CA SER D 219 28.58 -21.79 0.21
C SER D 219 29.74 -21.52 -0.78
N LYS D 220 30.09 -20.26 -0.97
CA LYS D 220 31.22 -19.97 -1.83
C LYS D 220 32.55 -20.56 -1.31
N ILE D 221 32.62 -20.92 -0.04
CA ILE D 221 33.93 -21.16 0.59
C ILE D 221 34.61 -22.52 0.34
N PRO D 222 33.87 -23.65 0.48
CA PRO D 222 34.51 -24.93 0.13
C PRO D 222 35.10 -24.94 -1.30
N VAL D 223 34.33 -24.40 -2.25
CA VAL D 223 34.74 -24.21 -3.64
C VAL D 223 36.13 -23.56 -3.77
N LEU D 224 36.38 -22.50 -3.01
CA LEU D 224 37.59 -21.69 -3.18
C LEU D 224 38.81 -22.32 -2.50
N MET D 225 38.59 -23.21 -1.53
CA MET D 225 39.71 -23.86 -0.87
C MET D 225 40.34 -24.97 -1.73
N GLU D 226 41.58 -25.31 -1.43
CA GLU D 226 42.26 -26.42 -2.10
C GLU D 226 41.89 -27.70 -1.38
N GLU D 227 42.61 -28.79 -1.64
CA GLU D 227 42.25 -30.09 -1.05
C GLU D 227 42.40 -30.08 0.46
N LYS D 228 43.54 -30.55 0.96
CA LYS D 228 43.71 -30.67 2.39
C LYS D 228 43.78 -29.28 3.04
N LEU D 229 43.21 -29.19 4.24
CA LEU D 229 43.11 -27.91 4.92
C LEU D 229 44.11 -27.86 6.07
N PHE D 230 44.46 -26.64 6.48
CA PHE D 230 45.22 -26.44 7.71
C PHE D 230 44.71 -25.16 8.34
N ALA D 231 44.94 -25.04 9.65
CA ALA D 231 44.46 -23.89 10.40
C ALA D 231 45.07 -23.93 11.79
N PHE D 232 45.16 -22.76 12.41
CA PHE D 232 45.60 -22.70 13.80
C PHE D 232 44.93 -21.53 14.51
N ASP D 233 45.40 -21.26 15.72
CA ASP D 233 44.86 -20.19 16.55
C ASP D 233 46.03 -19.34 17.10
N TYR D 234 45.79 -18.07 17.43
CA TYR D 234 46.90 -17.27 17.98
C TYR D 234 46.74 -16.89 19.44
N THR D 235 47.84 -16.79 20.14
CA THR D 235 47.76 -16.29 21.50
C THR D 235 48.13 -14.82 21.49
N GLY D 236 47.11 -13.96 21.53
CA GLY D 236 47.36 -12.54 21.54
C GLY D 236 48.04 -12.05 20.29
N TYR D 237 47.36 -12.16 19.17
CA TYR D 237 47.86 -11.71 17.87
C TYR D 237 48.31 -10.24 17.88
N ASP D 238 47.34 -9.36 18.13
CA ASP D 238 47.54 -7.91 18.06
C ASP D 238 48.75 -7.44 18.86
N ALA D 239 49.00 -8.06 20.01
CA ALA D 239 50.04 -7.57 20.90
C ALA D 239 51.38 -8.25 20.64
N SER D 240 51.38 -9.35 19.89
CA SER D 240 52.61 -10.08 19.63
C SER D 240 53.31 -9.61 18.33
N LEU D 241 52.67 -8.72 17.59
CA LEU D 241 53.24 -8.26 16.34
C LEU D 241 54.45 -7.33 16.61
N SER D 242 55.63 -7.75 16.14
CA SER D 242 56.87 -6.97 16.20
C SER D 242 56.86 -5.95 15.06
N PRO D 243 57.56 -4.80 15.23
CA PRO D 243 57.52 -3.71 14.25
C PRO D 243 57.95 -4.12 12.84
N ALA D 244 58.87 -5.07 12.73
CA ALA D 244 59.29 -5.60 11.45
C ALA D 244 58.12 -5.99 10.50
N TRP D 245 57.02 -6.47 11.07
CA TRP D 245 55.84 -6.84 10.26
C TRP D 245 55.13 -5.59 9.71
N PHE D 246 55.21 -4.51 10.46
CA PHE D 246 54.65 -3.25 10.00
C PHE D 246 55.40 -2.81 8.76
N GLU D 247 56.71 -3.04 8.77
CA GLU D 247 57.54 -2.71 7.63
C GLU D 247 57.09 -3.52 6.43
N ALA D 248 56.89 -4.82 6.65
CA ALA D 248 56.45 -5.68 5.55
C ALA D 248 55.10 -5.20 5.05
N LEU D 249 54.24 -4.71 5.94
CA LEU D 249 52.96 -4.17 5.53
C LEU D 249 53.19 -2.99 4.62
N LYS D 250 54.02 -2.07 5.09
CA LYS D 250 54.36 -0.85 4.37
C LYS D 250 54.99 -1.13 3.02
N MET D 251 55.78 -2.19 2.93
CA MET D 251 56.31 -2.59 1.63
C MET D 251 55.16 -2.90 0.69
N VAL D 252 54.22 -3.71 1.15
CA VAL D 252 53.07 -4.08 0.35
C VAL D 252 52.24 -2.86 -0.05
N LEU D 253 52.08 -1.93 0.89
CA LEU D 253 51.40 -0.67 0.59
C LEU D 253 52.19 0.10 -0.47
N GLU D 254 53.53 0.17 -0.33
CA GLU D 254 54.40 0.85 -1.31
C GLU D 254 54.22 0.25 -2.73
N LYS D 255 54.25 -1.08 -2.82
CA LYS D 255 54.15 -1.79 -4.09
C LYS D 255 52.86 -1.52 -4.88
N ILE D 256 51.80 -1.07 -4.21
CA ILE D 256 50.51 -1.01 -4.86
C ILE D 256 49.93 0.40 -4.93
N GLY D 257 50.76 1.41 -4.67
CA GLY D 257 50.42 2.79 -4.98
C GLY D 257 49.89 3.62 -3.83
N PHE D 258 50.49 3.46 -2.66
CA PHE D 258 50.07 4.20 -1.48
C PHE D 258 51.28 4.79 -0.78
N GLY D 259 52.36 4.87 -1.55
CA GLY D 259 53.65 5.39 -1.11
C GLY D 259 53.61 6.55 -0.14
N ASP D 260 52.76 7.54 -0.43
CA ASP D 260 52.67 8.76 0.38
C ASP D 260 52.30 8.49 1.84
N ARG D 261 51.23 7.72 2.02
CA ARG D 261 50.66 7.57 3.34
C ARG D 261 51.30 6.44 4.10
N VAL D 262 52.28 5.74 3.50
CA VAL D 262 52.84 4.57 4.18
C VAL D 262 53.57 4.86 5.50
N ASP D 263 53.64 6.13 5.89
CA ASP D 263 54.25 6.49 7.16
C ASP D 263 53.19 6.55 8.25
N TYR D 264 51.93 6.58 7.83
CA TYR D 264 50.79 6.44 8.74
C TYR D 264 50.87 5.14 9.56
N ILE D 265 51.34 4.08 8.90
CA ILE D 265 51.62 2.83 9.56
C ILE D 265 52.55 3.00 10.76
N ASP D 266 53.52 3.90 10.66
CA ASP D 266 54.45 4.15 11.77
C ASP D 266 53.71 4.59 13.05
N TYR D 267 52.60 5.30 12.86
CA TYR D 267 51.79 5.81 13.95
C TYR D 267 51.11 4.68 14.75
N LEU D 268 51.20 3.46 14.21
CA LEU D 268 50.54 2.31 14.80
C LEU D 268 51.53 1.45 15.66
N ASN D 269 52.77 1.21 15.20
CA ASN D 269 53.72 0.44 16.07
C ASN D 269 54.31 1.30 17.13
N HIS D 270 54.63 2.53 16.78
CA HIS D 270 54.97 3.52 17.79
C HIS D 270 53.68 4.26 18.09
N SER D 271 53.26 4.32 19.34
CA SER D 271 51.99 4.97 19.67
C SER D 271 51.96 5.36 21.13
N HIS D 272 51.10 6.32 21.47
CA HIS D 272 51.03 6.75 22.87
C HIS D 272 49.61 6.60 23.42
N HIS D 273 49.51 6.11 24.65
CA HIS D 273 48.21 5.74 25.18
C HIS D 273 47.92 6.41 26.52
N LEU D 274 46.67 6.86 26.68
CA LEU D 274 46.23 7.42 27.95
C LEU D 274 45.38 6.40 28.70
N TYR D 275 45.72 6.13 29.97
CA TYR D 275 44.99 5.18 30.81
C TYR D 275 44.86 5.69 32.22
N LYS D 276 43.72 6.32 32.51
CA LYS D 276 43.42 6.85 33.84
C LYS D 276 44.39 7.98 34.25
N ASN D 277 45.28 7.69 35.20
CA ASN D 277 46.18 8.74 35.69
C ASN D 277 47.59 8.59 35.15
N LYS D 278 47.81 7.56 34.33
CA LYS D 278 49.12 7.28 33.77
C LYS D 278 49.10 7.52 32.25
N THR D 279 50.29 7.56 31.66
CA THR D 279 50.50 7.73 30.22
C THR D 279 51.64 6.81 29.81
N TYR D 280 51.53 6.15 28.66
CA TYR D 280 52.58 5.23 28.31
C TYR D 280 52.85 5.14 26.81
N CYS D 281 53.90 4.42 26.47
CA CYS D 281 54.37 4.36 25.09
C CYS D 281 54.53 2.91 24.69
N VAL D 282 54.19 2.57 23.45
CA VAL D 282 54.22 1.18 23.01
C VAL D 282 54.86 1.10 21.63
N LYS D 283 55.85 0.21 21.47
CA LYS D 283 56.50 -0.06 20.17
C LYS D 283 56.17 -1.47 19.69
N GLY D 284 55.59 -1.56 18.51
CA GLY D 284 55.06 -2.82 18.02
C GLY D 284 53.62 -2.93 18.53
N GLY D 285 52.90 -3.96 18.08
CA GLY D 285 51.53 -4.21 18.51
C GLY D 285 50.51 -3.33 17.80
N MET D 286 49.54 -3.93 17.11
CA MET D 286 48.51 -3.15 16.46
C MET D 286 47.46 -2.69 17.48
N PRO D 287 47.26 -1.37 17.61
CA PRO D 287 46.36 -0.88 18.66
C PRO D 287 44.92 -1.24 18.30
N SER D 288 44.09 -1.49 19.30
CA SER D 288 42.72 -1.94 19.08
C SER D 288 41.93 -1.07 18.13
N GLY D 289 41.74 0.17 18.56
CA GLY D 289 40.72 1.03 17.98
C GLY D 289 41.06 1.92 16.80
N MET D 290 42.15 1.68 16.10
CA MET D 290 42.48 2.56 14.97
C MET D 290 41.51 2.34 13.83
N SER D 291 41.55 3.21 12.83
CA SER D 291 40.90 2.94 11.55
C SER D 291 41.74 1.93 10.83
N GLY D 292 41.09 0.91 10.25
CA GLY D 292 41.79 -0.03 9.39
C GLY D 292 42.42 -1.20 10.10
N THR D 293 42.47 -1.18 11.44
CA THR D 293 43.09 -2.31 12.15
C THR D 293 42.50 -3.66 11.70
N SER D 294 41.22 -3.69 11.33
CA SER D 294 40.64 -4.94 10.85
C SER D 294 41.34 -5.42 9.59
N ILE D 295 41.48 -4.50 8.64
CA ILE D 295 42.04 -4.83 7.34
C ILE D 295 43.56 -5.05 7.38
N PHE D 296 44.29 -4.19 8.09
CA PHE D 296 45.74 -4.38 8.21
C PHE D 296 46.07 -5.72 8.90
N ASN D 297 45.39 -6.02 10.00
CA ASN D 297 45.57 -7.30 10.68
C ASN D 297 45.36 -8.50 9.76
N SER D 298 44.44 -8.37 8.80
CA SER D 298 44.22 -9.44 7.83
C SER D 298 45.40 -9.52 6.89
N MET D 299 45.80 -8.38 6.33
CA MET D 299 46.94 -8.36 5.41
C MET D 299 48.21 -8.95 6.01
N ILE D 300 48.48 -8.63 7.26
CA ILE D 300 49.66 -9.13 7.94
C ILE D 300 49.53 -10.65 8.20
N ASN D 301 48.31 -11.14 8.46
CA ASN D 301 48.10 -12.59 8.58
C ASN D 301 48.41 -13.29 7.25
N ASN D 302 48.03 -12.64 6.13
CA ASN D 302 48.27 -13.20 4.81
C ASN D 302 49.76 -13.33 4.61
N LEU D 303 50.50 -12.37 5.16
CA LEU D 303 51.96 -12.34 5.08
C LEU D 303 52.58 -13.32 6.07
N ILE D 304 51.90 -13.61 7.19
CA ILE D 304 52.51 -14.48 8.21
C ILE D 304 52.50 -15.94 7.74
N ILE D 305 51.50 -16.31 6.93
CA ILE D 305 51.41 -17.69 6.46
C ILE D 305 52.38 -17.92 5.30
N ARG D 306 52.40 -16.99 4.35
CA ARG D 306 53.35 -17.07 3.24
C ARG D 306 54.79 -17.14 3.77
N THR D 307 55.13 -16.33 4.77
CA THR D 307 56.47 -16.38 5.32
C THR D 307 56.71 -17.74 5.98
N LEU D 308 55.88 -18.08 6.96
CA LEU D 308 56.05 -19.33 7.70
C LEU D 308 55.96 -20.58 6.80
N LEU D 309 55.28 -20.46 5.65
CA LEU D 309 55.29 -21.52 4.65
C LEU D 309 56.66 -21.63 4.02
N LEU D 310 57.10 -20.56 3.37
CA LEU D 310 58.40 -20.51 2.72
C LEU D 310 59.50 -20.98 3.67
N LYS D 311 59.45 -20.49 4.92
CA LYS D 311 60.46 -20.85 5.91
C LYS D 311 60.54 -22.35 6.22
N THR D 312 59.38 -22.96 6.49
CA THR D 312 59.30 -24.31 7.06
C THR D 312 59.15 -25.40 5.99
N TYR D 313 58.73 -25.02 4.78
CA TYR D 313 58.63 -25.96 3.67
C TYR D 313 59.49 -25.47 2.52
N LYS D 314 60.81 -25.53 2.71
CA LYS D 314 61.80 -24.97 1.78
C LYS D 314 61.57 -25.47 0.35
N GLY D 315 61.13 -24.56 -0.52
CA GLY D 315 60.67 -24.93 -1.84
C GLY D 315 59.17 -25.21 -1.80
N ILE D 316 58.38 -24.18 -2.04
CA ILE D 316 56.94 -24.29 -1.99
C ILE D 316 56.32 -23.21 -2.85
N ASP D 317 55.36 -23.58 -3.69
CA ASP D 317 54.75 -22.65 -4.61
C ASP D 317 53.56 -21.99 -3.95
N LEU D 318 53.69 -20.68 -3.70
CA LEU D 318 52.68 -19.93 -2.97
C LEU D 318 51.41 -19.63 -3.79
N ASP D 319 51.42 -19.92 -5.09
CA ASP D 319 50.26 -19.64 -5.93
C ASP D 319 49.13 -20.65 -5.71
N HIS D 320 49.50 -21.79 -5.13
CA HIS D 320 48.56 -22.86 -4.83
C HIS D 320 48.04 -22.79 -3.38
N LEU D 321 48.23 -21.63 -2.73
CA LEU D 321 47.77 -21.39 -1.36
C LEU D 321 46.55 -20.48 -1.35
N LYS D 322 45.43 -21.01 -0.86
CA LYS D 322 44.21 -20.22 -0.77
C LYS D 322 43.83 -20.08 0.71
N MET D 323 43.75 -18.83 1.17
CA MET D 323 43.34 -18.53 2.54
C MET D 323 42.35 -17.38 2.58
N ILE D 324 41.63 -17.30 3.70
CA ILE D 324 40.86 -16.11 4.02
C ILE D 324 41.08 -15.84 5.49
N ALA D 325 41.43 -14.58 5.83
CA ALA D 325 41.62 -14.19 7.22
C ALA D 325 40.60 -13.13 7.60
N TYR D 326 40.21 -13.11 8.88
CA TYR D 326 39.41 -12.02 9.45
C TYR D 326 40.15 -11.53 10.68
N GLY D 327 41.15 -10.66 10.46
CA GLY D 327 42.09 -10.35 11.49
C GLY D 327 42.90 -11.60 11.78
N ASP D 328 42.97 -12.00 13.05
CA ASP D 328 43.82 -13.13 13.39
C ASP D 328 43.17 -14.46 13.04
N ASP D 329 41.84 -14.48 12.94
CA ASP D 329 41.12 -15.70 12.54
C ASP D 329 41.41 -16.00 11.08
N VAL D 330 41.42 -17.29 10.73
CA VAL D 330 41.75 -17.72 9.38
C VAL D 330 41.31 -19.18 9.05
N ILE D 331 40.95 -19.38 7.79
CA ILE D 331 40.72 -20.69 7.21
C ILE D 331 41.74 -20.86 6.08
N ALA D 332 42.38 -22.02 5.98
CA ALA D 332 43.48 -22.20 5.01
C ALA D 332 43.59 -23.64 4.45
N SER D 333 43.97 -23.72 3.18
CA SER D 333 44.03 -24.96 2.41
C SER D 333 45.35 -25.13 1.68
N TYR D 334 45.64 -26.36 1.27
CA TYR D 334 46.77 -26.65 0.38
C TYR D 334 46.53 -27.94 -0.44
N PRO D 335 47.08 -28.02 -1.66
CA PRO D 335 47.00 -29.26 -2.46
C PRO D 335 47.46 -30.49 -1.68
N HIS D 336 48.56 -30.34 -0.96
CA HIS D 336 49.08 -31.42 -0.14
C HIS D 336 48.95 -30.98 1.30
N GLU D 337 48.80 -31.91 2.23
CA GLU D 337 48.67 -31.50 3.63
C GLU D 337 49.93 -30.77 4.15
N VAL D 338 49.72 -29.76 4.98
CA VAL D 338 50.83 -29.13 5.69
C VAL D 338 50.65 -29.33 7.20
N ASP D 339 51.75 -29.27 7.95
CA ASP D 339 51.70 -29.58 9.37
C ASP D 339 51.71 -28.31 10.21
N ALA D 340 50.54 -27.85 10.64
CA ALA D 340 50.44 -26.64 11.45
C ALA D 340 51.36 -26.67 12.68
N SER D 341 51.65 -27.87 13.18
CA SER D 341 52.58 -28.00 14.30
C SER D 341 53.99 -27.50 13.96
N LEU D 342 54.43 -27.72 12.72
CA LEU D 342 55.76 -27.27 12.31
C LEU D 342 55.82 -25.75 12.21
N LEU D 343 54.79 -25.16 11.59
CA LEU D 343 54.68 -23.71 11.52
C LEU D 343 54.72 -23.08 12.91
N ALA D 344 53.98 -23.64 13.86
CA ALA D 344 53.94 -23.10 15.21
C ALA D 344 55.35 -23.04 15.80
N GLN D 345 56.14 -24.09 15.54
CA GLN D 345 57.56 -24.10 15.91
C GLN D 345 58.30 -22.95 15.21
N SER D 346 58.68 -23.19 13.96
CA SER D 346 59.26 -22.18 13.09
C SER D 346 58.22 -21.08 12.86
N GLY D 347 57.95 -20.32 13.93
CA GLY D 347 56.92 -19.30 13.93
C GLY D 347 56.93 -18.51 15.22
N LYS D 348 57.46 -19.11 16.29
CA LYS D 348 57.76 -18.35 17.50
C LYS D 348 59.09 -17.59 17.29
N ASP D 349 59.83 -18.00 16.25
CA ASP D 349 61.02 -17.28 15.82
C ASP D 349 60.65 -15.98 15.08
N TYR D 350 59.34 -15.67 15.09
CA TYR D 350 58.81 -14.45 14.48
C TYR D 350 57.93 -13.68 15.48
N GLY D 351 57.91 -14.12 16.74
CA GLY D 351 57.16 -13.42 17.76
C GLY D 351 55.72 -13.92 17.96
N LEU D 352 55.28 -14.78 17.04
CA LEU D 352 53.91 -15.26 17.05
C LEU D 352 53.80 -16.58 17.80
N THR D 353 52.99 -16.62 18.87
CA THR D 353 52.73 -17.89 19.54
C THR D 353 51.46 -18.52 18.95
N MET D 354 51.65 -19.61 18.23
CA MET D 354 50.54 -20.28 17.60
C MET D 354 50.16 -21.53 18.38
N THR D 355 48.89 -21.92 18.26
CA THR D 355 48.32 -23.01 19.05
C THR D 355 47.50 -23.93 18.16
N PRO D 356 47.10 -25.10 18.70
CA PRO D 356 46.27 -26.01 17.89
C PRO D 356 44.90 -25.42 17.60
N ALA D 357 44.36 -25.77 16.44
CA ALA D 357 43.14 -25.15 15.96
C ALA D 357 41.93 -25.53 16.81
N ASP D 358 41.18 -24.50 17.22
CA ASP D 358 39.93 -24.72 17.94
C ASP D 358 40.14 -25.39 19.29
N LYS D 359 40.89 -24.72 20.17
CA LYS D 359 41.14 -25.18 21.55
C LYS D 359 41.39 -26.67 21.70
N SER D 360 41.94 -27.27 20.65
CA SER D 360 42.40 -28.64 20.70
C SER D 360 43.64 -28.58 21.57
N ALA D 361 44.22 -29.72 21.91
CA ALA D 361 45.45 -29.71 22.68
C ALA D 361 46.55 -30.29 21.83
N THR D 362 46.16 -30.69 20.63
CA THR D 362 46.99 -31.48 19.73
C THR D 362 46.69 -31.12 18.27
N PHE D 363 47.74 -30.93 17.47
CA PHE D 363 47.54 -30.56 16.07
C PHE D 363 46.93 -31.72 15.27
N GLU D 364 45.62 -31.66 15.05
CA GLU D 364 44.91 -32.70 14.31
C GLU D 364 44.68 -32.29 12.87
N THR D 365 44.62 -33.27 11.99
CA THR D 365 44.23 -33.01 10.60
C THR D 365 42.92 -32.23 10.59
N VAL D 366 42.83 -31.27 9.70
CA VAL D 366 41.69 -30.36 9.63
C VAL D 366 40.71 -30.86 8.60
N THR D 367 39.51 -31.20 9.04
CA THR D 367 38.46 -31.71 8.15
C THR D 367 37.34 -30.71 8.00
N TRP D 368 36.57 -30.83 6.92
CA TRP D 368 35.35 -30.04 6.77
C TRP D 368 34.30 -30.36 7.86
N GLU D 369 34.65 -31.18 8.86
CA GLU D 369 33.71 -31.55 9.90
C GLU D 369 34.10 -30.82 11.18
N ASN D 370 35.39 -30.61 11.40
CA ASN D 370 35.81 -29.92 12.63
C ASN D 370 36.47 -28.52 12.41
N VAL D 371 36.40 -28.03 11.16
CA VAL D 371 36.94 -26.70 10.84
C VAL D 371 35.93 -25.64 11.29
N THR D 372 36.42 -24.46 11.69
CA THR D 372 35.55 -23.34 12.06
C THR D 372 36.07 -22.02 11.50
N PHE D 373 35.13 -21.16 11.10
CA PHE D 373 35.47 -19.80 10.74
C PHE D 373 34.43 -18.89 11.36
N LEU D 374 34.92 -17.85 12.02
CA LEU D 374 34.10 -16.91 12.78
C LEU D 374 33.19 -17.67 13.74
N LYS D 375 33.80 -18.67 14.39
CA LYS D 375 33.14 -19.47 15.43
C LYS D 375 31.89 -20.17 14.89
N ARG D 376 31.97 -20.62 13.65
CA ARG D 376 30.88 -21.29 12.98
C ARG D 376 31.38 -22.52 12.25
N PHE D 377 30.56 -23.56 12.23
CA PHE D 377 30.93 -24.77 11.51
C PHE D 377 30.41 -24.71 10.09
N PHE D 378 30.81 -25.71 9.29
CA PHE D 378 30.28 -25.87 7.95
C PHE D 378 29.46 -27.17 7.88
N ARG D 379 28.18 -27.09 7.50
CA ARG D 379 27.36 -28.30 7.34
C ARG D 379 26.47 -28.15 6.10
N ALA D 380 26.64 -29.06 5.14
CA ALA D 380 25.86 -28.95 3.92
C ALA D 380 24.41 -29.31 4.23
N ASP D 381 23.49 -28.61 3.57
CA ASP D 381 22.06 -28.81 3.71
C ASP D 381 21.64 -30.15 3.14
N GLU D 382 20.80 -30.86 3.89
CA GLU D 382 20.37 -32.18 3.48
C GLU D 382 19.60 -32.15 2.16
N LYS D 383 18.63 -31.25 2.06
CA LYS D 383 17.76 -31.22 0.89
C LYS D 383 18.43 -30.57 -0.31
N TYR D 384 19.55 -29.87 -0.07
CA TYR D 384 20.27 -29.17 -1.12
C TYR D 384 21.77 -29.07 -0.84
N PRO D 385 22.51 -30.17 -1.04
CA PRO D 385 23.92 -30.40 -0.70
C PRO D 385 24.91 -29.28 -1.06
N PHE D 386 24.60 -28.51 -2.11
CA PHE D 386 25.50 -27.46 -2.60
C PHE D 386 25.40 -26.13 -1.79
N LEU D 387 24.41 -26.08 -0.88
CA LEU D 387 24.20 -24.92 -0.03
C LEU D 387 24.74 -25.19 1.36
N ILE D 388 25.78 -24.48 1.79
CA ILE D 388 26.39 -24.75 3.10
C ILE D 388 25.86 -23.82 4.21
N HIS D 389 25.58 -24.39 5.38
CA HIS D 389 25.09 -23.68 6.56
C HIS D 389 26.26 -23.20 7.40
N PRO D 390 26.20 -21.95 7.87
CA PRO D 390 27.12 -21.56 8.92
C PRO D 390 26.51 -21.96 10.25
N VAL D 391 27.23 -22.75 11.02
CA VAL D 391 26.61 -23.34 12.21
C VAL D 391 27.32 -22.98 13.49
N MET D 392 26.64 -22.19 14.29
CA MET D 392 27.16 -21.81 15.57
C MET D 392 26.54 -22.69 16.65
N PRO D 393 27.42 -23.37 17.41
CA PRO D 393 26.98 -24.30 18.46
C PRO D 393 26.16 -23.56 19.52
N MET D 394 25.04 -24.13 19.94
CA MET D 394 24.14 -23.45 20.87
C MET D 394 24.79 -23.06 22.18
N LYS D 395 25.87 -23.75 22.54
CA LYS D 395 26.60 -23.44 23.78
C LYS D 395 26.72 -21.95 24.14
N GLU D 396 27.20 -21.12 23.22
CA GLU D 396 27.41 -19.72 23.60
C GLU D 396 26.34 -18.79 23.06
N ILE D 397 25.41 -19.34 22.28
CA ILE D 397 24.14 -18.67 22.05
C ILE D 397 23.42 -18.66 23.41
N HIS D 398 23.60 -19.77 24.13
CA HIS D 398 23.06 -19.91 25.49
C HIS D 398 23.64 -18.85 26.40
N GLU D 399 24.97 -18.75 26.43
CA GLU D 399 25.65 -17.77 27.28
C GLU D 399 25.18 -16.35 27.00
N SER D 400 24.95 -15.98 25.74
CA SER D 400 24.48 -14.62 25.45
C SER D 400 23.10 -14.25 26.00
N ILE D 401 22.20 -15.23 26.14
CA ILE D 401 20.80 -14.93 26.50
C ILE D 401 20.60 -14.85 28.02
N ARG D 402 21.56 -15.38 28.80
CA ARG D 402 21.42 -15.41 30.27
C ARG D 402 21.72 -14.05 30.88
N TRP D 403 21.85 -13.04 30.01
CA TRP D 403 22.36 -11.69 30.31
C TRP D 403 21.77 -10.59 29.43
N THR D 404 21.59 -9.39 29.97
CA THR D 404 21.10 -8.27 29.16
C THR D 404 21.75 -6.93 29.56
N LYS D 405 21.65 -5.91 28.73
CA LYS D 405 22.12 -4.59 29.16
C LYS D 405 20.90 -3.71 29.43
N ASP D 406 19.84 -3.98 28.69
CA ASP D 406 18.62 -3.25 28.91
C ASP D 406 17.45 -4.13 28.50
N PRO D 407 16.67 -4.58 29.49
CA PRO D 407 15.57 -5.52 29.30
C PRO D 407 14.56 -5.02 28.29
N ARG D 408 14.61 -3.73 27.99
CA ARG D 408 13.71 -3.14 27.02
C ARG D 408 14.04 -3.64 25.58
N ASN D 409 15.17 -4.33 25.42
CA ASN D 409 15.65 -4.83 24.13
C ASN D 409 15.57 -6.35 23.95
N THR D 410 14.80 -7.02 24.79
CA THR D 410 14.89 -8.46 24.88
C THR D 410 14.39 -9.15 23.60
N GLN D 411 13.38 -8.55 22.98
CA GLN D 411 12.81 -9.04 21.72
C GLN D 411 13.86 -9.12 20.63
N ASP D 412 14.52 -7.97 20.38
CA ASP D 412 15.57 -7.87 19.37
C ASP D 412 16.76 -8.75 19.70
N HIS D 413 17.22 -8.70 20.94
CA HIS D 413 18.30 -9.59 21.37
C HIS D 413 17.97 -11.04 20.96
N VAL D 414 16.81 -11.57 21.41
CA VAL D 414 16.48 -12.97 21.19
C VAL D 414 16.23 -13.24 19.71
N ARG D 415 15.46 -12.40 19.06
CA ARG D 415 15.30 -12.59 17.63
C ARG D 415 16.65 -12.65 16.87
N SER D 416 17.61 -11.80 17.22
CA SER D 416 18.97 -11.97 16.69
C SER D 416 19.58 -13.34 16.99
N LEU D 417 19.39 -13.87 18.19
CA LEU D 417 19.92 -15.19 18.52
C LEU D 417 19.29 -16.30 17.64
N CYS D 418 17.98 -16.23 17.43
CA CYS D 418 17.27 -17.20 16.60
C CYS D 418 17.86 -17.31 15.19
N LEU D 419 18.21 -16.14 14.59
CA LEU D 419 18.77 -16.14 13.24
C LEU D 419 20.12 -16.84 13.20
N LEU D 420 20.71 -17.07 14.37
CA LEU D 420 21.97 -17.79 14.46
C LEU D 420 21.73 -19.25 14.75
N ALA D 421 20.73 -19.49 15.60
CA ALA D 421 20.53 -20.79 16.24
C ALA D 421 19.95 -21.83 15.29
N TRP D 422 19.06 -21.40 14.40
CA TRP D 422 18.26 -22.33 13.60
C TRP D 422 19.06 -23.20 12.65
N HIS D 423 20.25 -22.76 12.24
CA HIS D 423 21.09 -23.55 11.34
C HIS D 423 21.51 -24.84 12.03
N ASN D 424 21.33 -24.90 13.34
CA ASN D 424 21.59 -26.13 14.05
C ASN D 424 20.61 -27.23 13.61
N GLY D 425 19.47 -26.82 13.07
CA GLY D 425 18.45 -27.76 12.66
C GLY D 425 17.15 -27.68 13.46
N GLU D 426 16.06 -28.10 12.84
CA GLU D 426 14.69 -27.95 13.38
C GLU D 426 14.50 -28.42 14.82
N GLU D 427 15.08 -29.57 15.15
CA GLU D 427 14.91 -30.13 16.49
C GLU D 427 15.42 -29.16 17.53
N GLU D 428 16.73 -28.91 17.49
CA GLU D 428 17.37 -28.08 18.49
C GLU D 428 16.78 -26.68 18.49
N TYR D 429 16.43 -26.18 17.32
CA TYR D 429 15.81 -24.86 17.25
C TYR D 429 14.52 -24.83 18.06
N ASN D 430 13.59 -25.71 17.73
CA ASN D 430 12.35 -25.81 18.50
C ASN D 430 12.61 -26.13 19.97
N LYS D 431 13.68 -26.89 20.22
CA LYS D 431 14.07 -27.19 21.60
C LYS D 431 14.38 -25.90 22.31
N PHE D 432 15.16 -25.06 21.62
CA PHE D 432 15.54 -23.73 22.09
C PHE D 432 14.28 -22.90 22.29
N LEU D 433 13.49 -22.74 21.22
CA LEU D 433 12.22 -22.01 21.30
C LEU D 433 11.37 -22.42 22.51
N ALA D 434 11.47 -23.70 22.88
CA ALA D 434 10.70 -24.22 24.01
C ALA D 434 11.15 -23.62 25.35
N LYS D 435 12.45 -23.65 25.63
CA LYS D 435 12.94 -23.10 26.88
C LYS D 435 12.71 -21.58 26.99
N ILE D 436 12.76 -20.87 25.86
CA ILE D 436 12.40 -19.44 25.85
C ILE D 436 10.94 -19.22 26.29
N ARG D 437 10.03 -19.94 25.64
CA ARG D 437 8.62 -19.77 25.92
C ARG D 437 8.18 -20.28 27.33
N SER D 438 9.10 -20.82 28.12
CA SER D 438 8.80 -21.30 29.47
C SER D 438 8.98 -20.25 30.58
N VAL D 439 9.13 -18.97 30.22
CA VAL D 439 8.85 -17.89 31.18
C VAL D 439 7.92 -16.88 30.51
N PRO D 440 7.13 -16.16 31.33
CA PRO D 440 6.10 -15.23 30.84
C PRO D 440 6.51 -14.36 29.64
N ILE D 441 7.65 -13.67 29.69
CA ILE D 441 8.07 -12.82 28.57
C ILE D 441 8.71 -13.60 27.43
N GLY D 442 9.13 -14.82 27.71
CA GLY D 442 9.43 -15.78 26.66
C GLY D 442 8.20 -16.04 25.79
N ARG D 443 7.11 -16.47 26.42
CA ARG D 443 5.84 -16.69 25.72
C ARG D 443 5.39 -15.44 24.95
N ALA D 444 5.78 -14.25 25.38
CA ALA D 444 5.18 -13.07 24.78
C ALA D 444 5.92 -12.60 23.55
N LEU D 445 7.17 -13.04 23.38
CA LEU D 445 7.99 -12.63 22.24
C LEU D 445 7.35 -12.91 20.89
N ASP D 446 7.88 -12.32 19.83
CA ASP D 446 7.47 -12.72 18.50
C ASP D 446 8.66 -13.36 17.81
N LEU D 447 8.64 -14.68 17.73
CA LEU D 447 9.73 -15.44 17.17
C LEU D 447 9.32 -16.17 15.89
N PRO D 448 10.24 -16.22 14.93
CA PRO D 448 9.95 -16.89 13.65
C PRO D 448 9.95 -18.40 13.85
N GLU D 449 9.37 -19.15 12.93
CA GLU D 449 9.49 -20.60 13.06
C GLU D 449 10.49 -21.16 12.06
N TYR D 450 11.01 -22.36 12.36
CA TYR D 450 12.01 -23.01 11.50
C TYR D 450 11.69 -22.87 10.00
N SER D 451 10.49 -23.26 9.61
CA SER D 451 10.04 -23.10 8.22
C SER D 451 10.24 -21.66 7.71
N THR D 452 10.01 -20.67 8.56
CA THR D 452 10.14 -19.32 8.05
C THR D 452 11.63 -18.94 7.79
N LEU D 453 12.52 -19.28 8.71
CA LEU D 453 13.95 -19.02 8.50
C LEU D 453 14.55 -19.87 7.35
N TYR D 454 14.07 -21.10 7.18
CA TYR D 454 14.54 -21.95 6.08
C TYR D 454 14.10 -21.43 4.70
N ARG D 455 12.82 -21.07 4.58
CA ARG D 455 12.32 -20.49 3.35
C ARG D 455 13.17 -19.29 2.96
N ARG D 456 13.22 -18.28 3.84
CA ARG D 456 13.94 -17.04 3.57
C ARG D 456 15.40 -17.32 3.23
N TRP D 457 16.05 -18.22 3.97
CA TRP D 457 17.43 -18.59 3.65
C TRP D 457 17.60 -18.98 2.18
N LEU D 458 16.72 -19.87 1.73
CA LEU D 458 16.69 -20.33 0.34
C LEU D 458 16.41 -19.20 -0.65
N ASP D 459 15.35 -18.42 -0.40
CA ASP D 459 15.03 -17.27 -1.26
C ASP D 459 16.23 -16.30 -1.44
N SER D 460 17.07 -16.21 -0.41
CA SER D 460 18.14 -15.21 -0.41
C SER D 460 19.22 -15.54 -1.45
N PHE D 461 19.08 -16.64 -2.17
CA PHE D 461 19.92 -16.86 -3.36
C PHE D 461 19.10 -16.52 -4.62
N GLY D 462 17.82 -16.17 -4.44
CA GLY D 462 16.93 -15.88 -5.55
C GLY D 462 16.56 -14.41 -5.73
#